data_1X87
#
_entry.id   1X87
#
_cell.length_a   100.118
_cell.length_b   101.614
_cell.length_c   113.854
_cell.angle_alpha   90.00
_cell.angle_beta   90.00
_cell.angle_gamma   90.00
#
_symmetry.space_group_name_H-M   'P 21 21 21'
#
loop_
_entity.id
_entity.type
_entity.pdbx_description
1 polymer 'Urocanase protein'
2 non-polymer NICOTINAMIDE-ADENINE-DINUCLEOTIDE
3 water water
#
_entity_poly.entity_id   1
_entity_poly.type   'polypeptide(L)'
_entity_poly.pdbx_seq_one_letter_code
;(MSE)AEKRTVRPFAGTERRAKGWIQEAALR(MSE)LNNNLHPDVAERPDELIVYGGIGKAARNWECYEAIVDTLLRLEN
DETLLIQSGKPVAVFRTHPDAPRVLIANSNLVPAWATWDHFHELDKKGLI(MSE)YGQ(MSE)TAGSWIYIGSQGIVQGT
YETFAEVARQHFGGTLAGTITLTAGLGG(MSE)GGAQPLAVT(MSE)NGGVCLAIEVDPARIQRRIDTNYLDT(MSE)TD
SLDAALE(MSE)AKQAKEEKKALSIGLVGNAAEVLPRLVETGFVPDVLTDQTSAHDPLNGYIPAGLTLDEAAELRARDPK
QYIARAKQSIAAHVRA(MSE)LA(MSE)QKQGAVTFDYGNNIRQVAKDEGVDDAFSFPGFVPAYIRPLFCEGKGPFRWVA
LSGDPEDIYKTDEVILREFSDNERLCHWIR(MSE)AQKRIKFQGLPARICWLGYGERAKFGKIIND(MSE)VAKGELKAP
IVIGRDHLDSGSVASPNRETEG(MSE)KDGSDAIADWPILNALLNAVGGASWVSVHHGGGVG(MSE)GYSIHAG(MSE)V
IVADGTKEAEKRLERVLTTDPGLGVIRHADAGYELAIRTAKEKGID(MSE)P(MSE)LK
;
_entity_poly.pdbx_strand_id   A,B
#
loop_
_chem_comp.id
_chem_comp.type
_chem_comp.name
_chem_comp.formula
NAD non-polymer NICOTINAMIDE-ADENINE-DINUCLEOTIDE 'C21 H27 N7 O14 P2'
#
# COMPACT_ATOMS: atom_id res chain seq x y z
N VAL A 7 27.62 -14.17 8.99
CA VAL A 7 26.33 -14.73 9.50
C VAL A 7 26.54 -15.34 10.90
N ARG A 8 25.92 -14.79 11.95
CA ARG A 8 26.08 -15.33 13.30
C ARG A 8 25.00 -16.38 13.54
N PRO A 9 25.41 -17.55 14.04
CA PRO A 9 24.47 -18.64 14.22
C PRO A 9 23.52 -18.32 15.36
N PHE A 10 22.24 -18.59 15.21
CA PHE A 10 21.31 -18.74 16.31
C PHE A 10 20.59 -20.06 16.08
N ALA A 11 20.67 -21.02 16.98
CA ALA A 11 20.19 -22.38 16.71
C ALA A 11 19.84 -23.13 17.97
N GLY A 12 19.05 -24.20 17.87
CA GLY A 12 18.84 -25.13 18.98
C GLY A 12 17.75 -24.76 19.95
N THR A 13 17.70 -25.37 21.14
CA THR A 13 16.57 -25.22 22.05
C THR A 13 16.61 -23.96 22.92
N GLU A 14 17.71 -23.19 22.97
CA GLU A 14 17.83 -21.97 23.82
C GLU A 14 17.77 -20.70 22.98
N ARG A 15 17.23 -19.61 23.52
CA ARG A 15 17.27 -18.30 22.84
C ARG A 15 18.35 -17.38 23.41
N ARG A 16 19.02 -16.59 22.56
CA ARG A 16 19.91 -15.49 22.95
C ARG A 16 19.13 -14.19 23.02
N ALA A 17 18.01 -14.01 22.31
CA ALA A 17 17.18 -12.80 22.37
C ALA A 17 16.31 -12.71 23.64
N LYS A 18 15.74 -11.56 23.98
CA LYS A 18 14.85 -11.37 25.12
C LYS A 18 13.56 -12.17 24.99
N GLY A 19 13.19 -12.64 23.81
CA GLY A 19 11.98 -13.41 23.64
C GLY A 19 12.07 -14.26 22.41
N TRP A 20 11.15 -15.20 22.25
CA TRP A 20 11.14 -16.18 21.19
C TRP A 20 10.63 -15.64 19.85
N ILE A 21 9.84 -14.57 19.79
CA ILE A 21 9.53 -13.93 18.54
C ILE A 21 10.74 -13.23 18.01
N GLN A 22 11.48 -12.48 18.85
CA GLN A 22 12.74 -11.84 18.48
C GLN A 22 13.74 -12.91 18.01
N GLU A 23 13.84 -14.03 18.71
CA GLU A 23 14.67 -15.17 18.35
C GLU A 23 14.26 -15.76 17.03
N ALA A 24 12.97 -15.97 16.78
CA ALA A 24 12.47 -16.47 15.51
C ALA A 24 12.82 -15.56 14.39
N ALA A 25 12.70 -14.25 14.56
CA ALA A 25 13.08 -13.28 13.52
C ALA A 25 14.54 -13.45 13.17
N LEU A 26 15.45 -13.53 14.13
CA LEU A 26 16.87 -13.84 13.90
C LEU A 26 17.03 -15.14 13.15
N ARG A 27 16.37 -16.22 13.52
CA ARG A 27 16.61 -17.49 12.88
C ARG A 27 16.06 -17.51 11.47
N MSE A 28 14.97 -16.81 11.18
CA MSE A 28 14.35 -16.77 9.86
C MSE A 28 15.12 -15.84 8.97
O MSE A 28 15.37 -16.15 7.80
CB MSE A 28 12.89 -16.28 9.95
CG MSE A 28 11.92 -17.28 10.66
SE MSE A 28 12.04 -19.12 10.00
CE MSE A 28 10.97 -18.95 8.38
N LEU A 29 15.54 -14.68 9.47
CA LEU A 29 16.49 -13.83 8.81
C LEU A 29 17.72 -14.64 8.38
N ASN A 30 18.38 -15.38 9.26
CA ASN A 30 19.54 -16.19 8.86
C ASN A 30 19.18 -17.37 7.97
N ASN A 31 18.02 -18.01 8.12
CA ASN A 31 17.57 -19.08 7.24
C ASN A 31 17.49 -18.65 5.77
N ASN A 32 17.08 -17.42 5.45
CA ASN A 32 17.03 -16.95 4.06
C ASN A 32 18.39 -16.81 3.42
N LEU A 33 19.45 -16.61 4.20
CA LEU A 33 20.84 -16.55 3.71
C LEU A 33 21.50 -17.93 3.80
N HIS A 34 20.74 -19.03 3.76
CA HIS A 34 21.30 -20.38 3.83
C HIS A 34 21.72 -20.83 2.42
N PRO A 35 22.88 -21.49 2.31
CA PRO A 35 23.35 -21.98 0.99
C PRO A 35 22.42 -23.04 0.40
N ASP A 36 22.01 -24.06 1.17
CA ASP A 36 21.02 -25.08 0.71
C ASP A 36 19.62 -24.48 0.47
N VAL A 37 19.26 -23.34 1.05
CA VAL A 37 18.05 -22.59 0.68
C VAL A 37 18.46 -21.55 -0.36
N LYS A 52 17.57 -9.90 -1.26
CA LYS A 52 18.35 -10.15 -0.03
C LYS A 52 17.47 -9.98 1.22
N ALA A 53 17.86 -10.50 2.38
CA ALA A 53 17.04 -10.37 3.61
C ALA A 53 17.14 -8.96 4.22
N ALA A 54 18.26 -8.27 4.06
CA ALA A 54 18.47 -6.92 4.55
C ALA A 54 19.03 -6.07 3.43
N ARG A 55 19.16 -4.76 3.59
CA ARG A 55 19.55 -3.87 2.48
C ARG A 55 21.01 -4.09 2.11
N ASN A 56 21.90 -4.28 3.09
CA ASN A 56 23.33 -4.55 2.91
C ASN A 56 23.87 -5.17 4.19
N TRP A 57 25.13 -5.63 4.27
CA TRP A 57 25.69 -6.22 5.49
C TRP A 57 25.65 -5.28 6.70
N GLU A 58 25.64 -3.98 6.53
CA GLU A 58 25.59 -3.04 7.64
C GLU A 58 24.16 -3.05 8.20
N CYS A 59 23.13 -3.09 7.36
CA CYS A 59 21.76 -3.22 7.83
C CYS A 59 21.53 -4.60 8.43
N TYR A 60 22.04 -5.68 7.85
CA TYR A 60 21.97 -7.01 8.45
C TYR A 60 22.54 -7.00 9.91
N GLU A 61 23.65 -6.35 10.21
CA GLU A 61 24.21 -6.36 11.56
C GLU A 61 23.37 -5.54 12.53
N ALA A 62 22.83 -4.40 12.12
CA ALA A 62 21.95 -3.58 12.96
C ALA A 62 20.65 -4.32 13.23
N ILE A 63 20.08 -5.06 12.28
CA ILE A 63 18.85 -5.83 12.53
C ILE A 63 19.13 -6.90 13.59
N VAL A 64 20.18 -7.69 13.41
CA VAL A 64 20.61 -8.69 14.37
C VAL A 64 20.90 -8.05 15.75
N ASP A 65 21.73 -7.01 15.83
CA ASP A 65 21.98 -6.31 17.08
C ASP A 65 20.70 -5.80 17.71
N THR A 66 19.82 -5.16 16.95
CA THR A 66 18.56 -4.62 17.47
C THR A 66 17.64 -5.74 17.95
N LEU A 67 17.53 -6.85 17.22
CA LEU A 67 16.67 -7.95 17.62
C LEU A 67 17.18 -8.58 18.92
N LEU A 68 18.49 -8.66 19.17
CA LEU A 68 19.00 -9.18 20.47
C LEU A 68 18.58 -8.33 21.67
N ARG A 69 18.54 -7.01 21.56
CA ARG A 69 18.15 -6.11 22.65
C ARG A 69 16.67 -5.72 22.62
N LEU A 70 15.93 -6.01 21.56
CA LEU A 70 14.51 -5.58 21.44
C LEU A 70 13.67 -6.13 22.60
N GLU A 71 12.99 -5.30 23.39
CA GLU A 71 12.07 -5.76 24.45
C GLU A 71 10.75 -6.32 23.91
N ASN A 72 10.04 -7.10 24.72
CA ASN A 72 8.78 -7.72 24.39
C ASN A 72 7.62 -6.75 24.24
N ASP A 73 7.80 -5.47 24.55
CA ASP A 73 6.77 -4.47 24.35
C ASP A 73 7.31 -3.40 23.40
N GLU A 74 8.27 -3.72 22.55
CA GLU A 74 8.81 -2.79 21.57
C GLU A 74 8.65 -3.37 20.17
N THR A 75 8.65 -2.53 19.14
CA THR A 75 8.52 -2.99 17.76
C THR A 75 9.61 -2.35 16.94
N LEU A 76 10.29 -3.12 16.07
CA LEU A 76 11.29 -2.63 15.15
C LEU A 76 10.65 -2.42 13.77
N LEU A 77 11.01 -1.35 13.04
CA LEU A 77 10.51 -1.05 11.72
C LEU A 77 11.64 -1.23 10.73
N ILE A 78 11.38 -2.00 9.67
CA ILE A 78 12.31 -2.28 8.61
C ILE A 78 11.73 -1.56 7.40
N GLN A 79 12.46 -0.64 6.79
CA GLN A 79 12.04 0.07 5.59
C GLN A 79 12.98 -0.37 4.49
N SER A 80 12.55 -1.17 3.53
CA SER A 80 13.40 -1.62 2.42
C SER A 80 14.70 -2.22 2.92
N GLY A 81 14.63 -3.18 3.85
CA GLY A 81 15.77 -3.91 4.36
C GLY A 81 16.56 -3.20 5.42
N LYS A 82 16.16 -2.03 5.90
CA LYS A 82 16.98 -1.25 6.81
C LYS A 82 16.21 -1.02 8.08
N PRO A 83 16.83 -1.25 9.24
CA PRO A 83 16.17 -1.00 10.51
C PRO A 83 16.24 0.49 10.84
N VAL A 84 15.13 1.21 10.79
CA VAL A 84 15.08 2.66 10.90
C VAL A 84 14.53 3.11 12.25
N ALA A 85 13.80 2.31 13.00
CA ALA A 85 13.29 2.77 14.29
C ALA A 85 12.87 1.63 15.16
N VAL A 86 12.90 1.81 16.48
CA VAL A 86 12.22 0.98 17.45
C VAL A 86 11.27 1.88 18.22
N PHE A 87 10.03 1.47 18.42
CA PHE A 87 9.03 2.22 19.17
C PHE A 87 8.42 1.34 20.25
N ARG A 88 8.05 1.91 21.40
CA ARG A 88 7.30 1.23 22.44
C ARG A 88 5.91 0.95 21.91
N THR A 89 5.46 -0.30 21.92
CA THR A 89 4.12 -0.69 21.53
C THR A 89 3.54 -1.49 22.67
N HIS A 90 3.25 -2.78 22.54
CA HIS A 90 2.72 -3.59 23.62
C HIS A 90 3.00 -5.06 23.32
N PRO A 91 2.93 -5.93 24.31
CA PRO A 91 3.29 -7.35 24.12
C PRO A 91 2.50 -8.11 23.05
N ASP A 92 1.27 -7.73 22.71
CA ASP A 92 0.49 -8.39 21.65
C ASP A 92 0.60 -7.72 20.28
N ALA A 93 1.45 -6.70 20.12
CA ALA A 93 1.78 -6.14 18.81
C ALA A 93 2.83 -7.02 18.13
N PRO A 94 2.98 -6.92 16.81
CA PRO A 94 4.09 -7.56 16.15
C PRO A 94 5.38 -7.00 16.74
N ARG A 95 6.47 -7.77 16.77
CA ARG A 95 7.76 -7.26 17.18
C ARG A 95 8.43 -6.56 16.01
N VAL A 96 8.07 -6.91 14.76
CA VAL A 96 8.66 -6.35 13.59
C VAL A 96 7.59 -6.00 12.54
N LEU A 97 7.63 -4.79 12.00
CA LEU A 97 6.82 -4.34 10.88
C LEU A 97 7.77 -4.08 9.73
N ILE A 98 7.56 -4.68 8.55
CA ILE A 98 8.47 -4.60 7.42
C ILE A 98 7.80 -3.97 6.23
N ALA A 99 8.34 -2.91 5.65
CA ALA A 99 7.73 -2.30 4.47
C ALA A 99 8.81 -2.12 3.44
N ASN A 100 8.80 -2.90 2.37
CA ASN A 100 9.87 -2.95 1.38
C ASN A 100 9.39 -2.50 0.01
N SER A 101 10.25 -1.84 -0.75
CA SER A 101 9.93 -1.33 -2.07
C SER A 101 10.98 -1.81 -3.07
N ASN A 102 10.57 -2.13 -4.28
CA ASN A 102 11.46 -2.51 -5.35
C ASN A 102 10.93 -1.79 -6.55
N LEU A 103 11.21 -0.50 -6.68
CA LEU A 103 10.75 0.30 -7.77
C LEU A 103 11.79 0.29 -8.90
N VAL A 104 11.37 0.12 -10.15
CA VAL A 104 12.27 0.19 -11.26
C VAL A 104 12.07 1.59 -11.85
N PRO A 105 13.17 2.31 -12.08
CA PRO A 105 13.09 3.63 -12.67
C PRO A 105 12.53 3.54 -14.09
N ALA A 106 11.85 4.54 -14.63
CA ALA A 106 11.31 4.48 -15.98
C ALA A 106 12.35 4.00 -17.01
N TRP A 107 13.55 4.59 -17.06
CA TRP A 107 14.59 4.19 -18.02
C TRP A 107 14.90 2.69 -17.96
N ALA A 108 14.72 2.02 -16.83
CA ALA A 108 15.04 0.60 -16.69
C ALA A 108 13.85 -0.29 -17.06
N THR A 109 12.72 0.24 -17.52
CA THR A 109 11.50 -0.52 -17.79
C THR A 109 11.73 -1.62 -18.82
N TRP A 110 12.42 -1.35 -19.92
CA TRP A 110 12.58 -2.29 -21.02
C TRP A 110 13.57 -3.40 -20.67
N ASP A 111 14.36 -3.28 -19.61
CA ASP A 111 15.16 -4.40 -19.13
C ASP A 111 14.16 -5.43 -18.59
N HIS A 112 13.28 -5.97 -19.47
CA HIS A 112 12.01 -6.67 -19.15
C HIS A 112 11.19 -5.87 -18.19
N GLY A 130 11.33 -12.52 1.82
CA GLY A 130 10.34 -11.41 1.90
C GLY A 130 9.82 -11.16 3.32
N SER A 131 8.79 -11.87 3.78
CA SER A 131 8.46 -11.94 5.22
C SER A 131 9.47 -12.87 5.90
N TRP A 132 10.71 -12.97 5.39
CA TRP A 132 11.72 -13.93 5.79
C TRP A 132 11.25 -15.37 5.84
N ILE A 133 10.29 -15.84 5.05
CA ILE A 133 9.85 -17.24 5.16
C ILE A 133 10.03 -18.05 3.90
N TYR A 134 11.05 -17.82 3.08
CA TYR A 134 11.34 -18.70 1.93
C TYR A 134 11.79 -20.02 2.52
N ILE A 135 11.32 -21.17 2.05
CA ILE A 135 11.73 -22.50 2.58
C ILE A 135 12.23 -23.41 1.46
N GLY A 136 12.83 -22.86 0.41
CA GLY A 136 13.43 -23.66 -0.66
C GLY A 136 12.43 -24.02 -1.74
N SER A 137 12.60 -25.13 -2.45
CA SER A 137 11.76 -25.52 -3.57
C SER A 137 10.57 -26.38 -3.16
N GLN A 138 10.34 -26.64 -1.87
CA GLN A 138 9.15 -27.31 -1.41
C GLN A 138 7.93 -26.50 -1.82
N GLY A 139 7.99 -25.17 -1.82
CA GLY A 139 6.87 -24.31 -2.20
C GLY A 139 6.41 -24.56 -3.61
N ILE A 140 7.32 -24.59 -4.57
CA ILE A 140 6.95 -24.73 -5.98
C ILE A 140 6.48 -26.18 -6.20
N VAL A 141 7.11 -27.17 -5.60
CA VAL A 141 6.69 -28.55 -5.73
C VAL A 141 5.30 -28.74 -5.19
N GLN A 142 4.98 -28.25 -4.01
CA GLN A 142 3.65 -28.48 -3.49
C GLN A 142 2.57 -27.59 -4.14
N GLY A 143 2.86 -26.38 -4.60
CA GLY A 143 1.90 -25.62 -5.40
C GLY A 143 1.53 -26.38 -6.68
N THR A 144 2.48 -26.98 -7.38
CA THR A 144 2.19 -27.78 -8.55
C THR A 144 1.43 -29.07 -8.22
N TYR A 145 1.74 -29.76 -7.12
CA TYR A 145 0.99 -30.88 -6.60
C TYR A 145 -0.43 -30.49 -6.34
N GLU A 146 -0.66 -29.33 -5.75
CA GLU A 146 -2.00 -28.82 -5.50
C GLU A 146 -2.76 -28.68 -6.83
N THR A 147 -2.17 -28.13 -7.89
CA THR A 147 -2.88 -28.06 -9.16
C THR A 147 -3.29 -29.47 -9.64
N PHE A 148 -2.41 -30.46 -9.63
CA PHE A 148 -2.72 -31.76 -10.17
C PHE A 148 -3.55 -32.59 -9.22
N ALA A 149 -3.54 -32.33 -7.93
CA ALA A 149 -4.49 -32.96 -7.01
C ALA A 149 -5.91 -32.44 -7.26
N GLU A 150 -6.11 -31.14 -7.51
CA GLU A 150 -7.44 -30.64 -7.82
C GLU A 150 -7.95 -31.17 -9.17
N VAL A 151 -7.11 -31.29 -10.20
CA VAL A 151 -7.46 -31.97 -11.45
C VAL A 151 -7.87 -33.43 -11.17
N ALA A 152 -7.20 -34.11 -10.26
CA ALA A 152 -7.50 -35.50 -9.94
C ALA A 152 -8.87 -35.56 -9.26
N ARG A 153 -9.15 -34.65 -8.32
CA ARG A 153 -10.44 -34.58 -7.65
C ARG A 153 -11.54 -34.33 -8.67
N GLN A 154 -11.42 -33.29 -9.49
CA GLN A 154 -12.41 -32.94 -10.47
C GLN A 154 -12.63 -34.02 -11.53
N HIS A 155 -11.62 -34.75 -12.05
CA HIS A 155 -11.80 -35.61 -13.24
C HIS A 155 -11.44 -37.09 -13.11
N PHE A 156 -10.69 -37.54 -12.12
CA PHE A 156 -10.21 -38.92 -12.09
C PHE A 156 -10.47 -39.58 -10.77
N GLY A 157 -11.50 -39.17 -10.04
CA GLY A 157 -11.90 -39.84 -8.82
C GLY A 157 -10.92 -39.65 -7.68
N GLY A 158 -10.12 -38.59 -7.63
CA GLY A 158 -9.24 -38.32 -6.49
C GLY A 158 -7.81 -38.83 -6.59
N THR A 159 -7.39 -39.50 -7.66
CA THR A 159 -5.99 -39.92 -7.86
C THR A 159 -5.58 -39.81 -9.32
N LEU A 160 -4.29 -39.72 -9.64
CA LEU A 160 -3.82 -39.75 -11.02
C LEU A 160 -3.25 -41.11 -11.38
N ALA A 161 -3.33 -42.11 -10.51
CA ALA A 161 -2.96 -43.50 -10.83
C ALA A 161 -3.70 -44.00 -12.07
N GLY A 162 -3.04 -44.66 -13.03
CA GLY A 162 -3.68 -45.06 -14.27
C GLY A 162 -3.94 -43.91 -15.23
N THR A 163 -3.28 -42.75 -15.10
CA THR A 163 -3.35 -41.68 -16.10
C THR A 163 -1.97 -41.25 -16.60
N ILE A 164 -1.89 -40.76 -17.83
CA ILE A 164 -0.69 -40.09 -18.36
C ILE A 164 -0.93 -38.59 -18.46
N THR A 165 -0.10 -37.74 -17.86
CA THR A 165 -0.08 -36.34 -18.20
C THR A 165 1.11 -36.03 -19.06
N LEU A 166 0.85 -35.26 -20.12
CA LEU A 166 1.80 -34.87 -21.11
C LEU A 166 1.98 -33.40 -20.91
N THR A 167 3.21 -32.91 -20.78
CA THR A 167 3.51 -31.49 -20.65
C THR A 167 4.84 -31.26 -21.27
N ALA A 168 5.38 -30.07 -21.16
CA ALA A 168 6.63 -29.72 -21.78
C ALA A 168 7.24 -28.60 -21.00
N GLY A 169 8.56 -28.51 -20.93
CA GLY A 169 9.25 -27.55 -20.10
C GLY A 169 9.66 -28.23 -18.80
N LEU A 170 10.94 -28.42 -18.56
CA LEU A 170 11.45 -28.85 -17.27
C LEU A 170 12.31 -27.72 -16.66
N GLY A 171 11.88 -26.47 -16.78
CA GLY A 171 12.67 -25.33 -16.32
C GLY A 171 12.56 -25.02 -14.84
N GLY A 172 12.70 -23.75 -14.46
CA GLY A 172 12.70 -23.33 -13.07
C GLY A 172 11.43 -23.69 -12.33
N MSE A 173 10.25 -23.58 -12.94
CA MSE A 173 8.99 -24.02 -12.39
C MSE A 173 8.50 -25.30 -13.08
O MSE A 173 7.96 -26.21 -12.43
CB MSE A 173 7.95 -22.91 -12.53
CG MSE A 173 8.20 -21.70 -11.60
SE MSE A 173 7.11 -20.19 -12.18
CE MSE A 173 8.49 -19.11 -13.08
N GLY A 174 8.69 -25.47 -14.39
CA GLY A 174 8.29 -26.67 -15.10
C GLY A 174 8.92 -27.92 -14.55
N GLY A 175 10.16 -27.85 -14.06
CA GLY A 175 10.85 -28.99 -13.45
C GLY A 175 10.13 -29.62 -12.27
N ALA A 176 9.21 -28.93 -11.60
CA ALA A 176 8.39 -29.49 -10.51
C ALA A 176 7.24 -30.39 -11.03
N GLN A 177 6.84 -30.30 -12.30
CA GLN A 177 5.70 -31.04 -12.82
C GLN A 177 5.83 -32.56 -12.67
N PRO A 178 6.98 -33.13 -13.02
CA PRO A 178 7.15 -34.58 -12.89
C PRO A 178 6.88 -35.06 -11.46
N LEU A 179 7.47 -34.45 -10.43
CA LEU A 179 7.20 -34.83 -9.04
C LEU A 179 5.76 -34.60 -8.65
N ALA A 180 5.14 -33.49 -9.06
CA ALA A 180 3.76 -33.19 -8.72
C ALA A 180 2.81 -34.20 -9.31
N VAL A 181 3.08 -34.75 -10.48
CA VAL A 181 2.21 -35.74 -11.10
C VAL A 181 2.44 -37.10 -10.47
N THR A 182 3.69 -37.52 -10.28
CA THR A 182 3.98 -38.84 -9.72
C THR A 182 3.59 -38.91 -8.26
N MSE A 183 3.86 -37.90 -7.44
CA MSE A 183 3.38 -37.86 -6.05
C MSE A 183 1.85 -37.92 -6.02
O MSE A 183 1.28 -38.36 -5.06
CB MSE A 183 3.84 -36.59 -5.35
CG MSE A 183 5.34 -36.54 -5.07
SE MSE A 183 5.90 -34.86 -4.25
CE MSE A 183 5.65 -35.35 -2.37
N ASN A 184 1.12 -37.47 -7.05
CA ASN A 184 -0.33 -37.70 -7.15
C ASN A 184 -0.64 -39.08 -7.71
N GLY A 185 0.33 -39.96 -7.91
CA GLY A 185 0.11 -41.32 -8.39
C GLY A 185 0.17 -41.45 -9.91
N GLY A 186 0.35 -40.37 -10.67
CA GLY A 186 0.22 -40.42 -12.12
C GLY A 186 1.48 -40.82 -12.84
N VAL A 187 1.40 -41.15 -14.13
CA VAL A 187 2.56 -41.13 -14.99
C VAL A 187 2.66 -39.77 -15.68
N CYS A 188 3.87 -39.27 -15.84
CA CYS A 188 4.14 -37.99 -16.42
C CYS A 188 5.09 -38.17 -17.59
N LEU A 189 4.76 -37.65 -18.76
CA LEU A 189 5.65 -37.60 -19.88
C LEU A 189 5.98 -36.13 -20.15
N ALA A 190 7.23 -35.70 -20.02
CA ALA A 190 7.62 -34.30 -20.10
C ALA A 190 8.56 -34.01 -21.26
N ILE A 191 8.16 -33.24 -22.29
CA ILE A 191 9.04 -32.91 -23.42
C ILE A 191 9.97 -31.77 -23.06
N GLU A 192 11.26 -31.82 -23.32
CA GLU A 192 12.17 -30.72 -23.01
C GLU A 192 13.28 -30.71 -24.08
N VAL A 193 13.55 -29.55 -24.71
CA VAL A 193 14.57 -29.42 -25.75
C VAL A 193 15.99 -29.57 -25.23
N ASP A 194 16.27 -29.30 -23.96
CA ASP A 194 17.63 -29.31 -23.46
C ASP A 194 17.93 -30.63 -22.75
N PRO A 195 18.71 -31.52 -23.38
CA PRO A 195 19.04 -32.82 -22.77
C PRO A 195 19.81 -32.70 -21.45
N ALA A 196 20.75 -31.76 -21.32
CA ALA A 196 21.52 -31.58 -20.09
C ALA A 196 20.62 -31.04 -18.97
N ARG A 197 19.59 -30.27 -19.28
CA ARG A 197 18.58 -29.88 -18.32
C ARG A 197 17.83 -31.09 -17.85
N ILE A 198 17.41 -31.99 -18.74
CA ILE A 198 16.71 -33.20 -18.33
C ILE A 198 17.59 -34.03 -17.39
N GLN A 199 18.89 -34.20 -17.65
CA GLN A 199 19.74 -35.05 -16.82
C GLN A 199 19.93 -34.45 -15.43
N ARG A 200 20.02 -33.12 -15.28
CA ARG A 200 20.08 -32.46 -13.99
C ARG A 200 18.83 -32.75 -13.15
N ARG A 201 17.64 -32.86 -13.73
CA ARG A 201 16.43 -33.25 -12.99
C ARG A 201 16.49 -34.69 -12.52
N ILE A 202 17.06 -35.61 -13.28
CA ILE A 202 17.27 -37.00 -12.85
C ILE A 202 18.33 -36.99 -11.77
N ASP A 203 19.52 -36.43 -12.01
CA ASP A 203 20.62 -36.31 -11.02
C ASP A 203 20.11 -35.82 -9.69
N THR A 204 19.03 -35.06 -9.68
CA THR A 204 18.63 -34.29 -8.52
C THR A 204 17.24 -34.74 -8.01
N ASN A 205 16.71 -35.85 -8.52
CA ASN A 205 15.54 -36.57 -7.99
C ASN A 205 14.22 -35.87 -8.26
N TYR A 206 14.13 -35.08 -9.31
CA TYR A 206 12.87 -34.48 -9.74
C TYR A 206 12.24 -35.37 -10.79
N LEU A 207 13.01 -36.23 -11.48
CA LEU A 207 12.57 -37.00 -12.66
C LEU A 207 13.05 -38.44 -12.51
N ASP A 208 12.29 -39.47 -12.89
CA ASP A 208 12.76 -40.88 -12.79
C ASP A 208 13.72 -41.29 -13.93
N THR A 209 13.39 -41.02 -15.18
CA THR A 209 14.20 -41.49 -16.28
C THR A 209 14.07 -40.56 -17.48
N MSE A 210 14.89 -40.74 -18.51
CA MSE A 210 14.79 -39.99 -19.72
C MSE A 210 15.08 -40.84 -20.96
O MSE A 210 15.56 -41.98 -20.87
CB MSE A 210 15.75 -38.80 -19.68
CG MSE A 210 17.23 -39.13 -19.59
SE MSE A 210 18.39 -37.56 -19.68
CE MSE A 210 18.02 -36.93 -21.49
N THR A 211 14.80 -40.30 -22.15
CA THR A 211 15.10 -40.94 -23.41
C THR A 211 15.04 -39.87 -24.50
N ASP A 212 15.71 -40.05 -25.62
CA ASP A 212 15.51 -39.25 -26.82
C ASP A 212 14.62 -40.03 -27.79
N SER A 213 14.04 -41.16 -27.40
CA SER A 213 13.17 -41.93 -28.26
C SER A 213 11.71 -41.73 -27.88
N LEU A 214 10.90 -41.12 -28.73
CA LEU A 214 9.48 -40.94 -28.49
C LEU A 214 8.76 -42.26 -28.33
N ASP A 215 9.06 -43.28 -29.12
CA ASP A 215 8.43 -44.60 -29.02
C ASP A 215 8.83 -45.29 -27.75
N ALA A 216 10.08 -45.22 -27.31
CA ALA A 216 10.50 -45.73 -26.00
C ALA A 216 9.78 -44.99 -24.86
N ALA A 217 9.79 -43.67 -24.83
CA ALA A 217 9.01 -42.87 -23.88
C ALA A 217 7.55 -43.28 -23.87
N LEU A 218 6.94 -43.46 -25.03
CA LEU A 218 5.52 -43.76 -25.14
C LEU A 218 5.22 -45.15 -24.62
N GLU A 219 6.08 -46.13 -24.88
CA GLU A 219 5.84 -47.52 -24.43
C GLU A 219 6.08 -47.59 -22.93
N MSE A 220 7.09 -46.91 -22.39
CA MSE A 220 7.27 -46.78 -20.94
C MSE A 220 6.08 -46.15 -20.22
O MSE A 220 5.70 -46.60 -19.13
CB MSE A 220 8.51 -45.94 -20.65
CG MSE A 220 9.78 -46.73 -20.86
SE MSE A 220 11.34 -45.73 -20.22
CE MSE A 220 11.54 -44.46 -21.69
N ALA A 221 5.47 -45.10 -20.77
CA ALA A 221 4.39 -44.39 -20.12
C ALA A 221 3.12 -45.23 -20.11
N LYS A 222 2.74 -45.87 -21.21
CA LYS A 222 1.56 -46.76 -21.31
C LYS A 222 1.76 -48.01 -20.48
N GLN A 223 2.96 -48.55 -20.39
CA GLN A 223 3.28 -49.65 -19.46
C GLN A 223 2.91 -49.27 -18.05
N ALA A 224 3.41 -48.14 -17.54
CA ALA A 224 3.14 -47.67 -16.21
C ALA A 224 1.65 -47.35 -16.05
N LYS A 225 1.00 -46.74 -17.03
CA LYS A 225 -0.42 -46.46 -16.93
C LYS A 225 -1.18 -47.76 -16.74
N GLU A 226 -0.89 -48.84 -17.48
CA GLU A 226 -1.56 -50.12 -17.30
C GLU A 226 -1.32 -50.74 -15.93
N GLU A 227 -0.09 -50.75 -15.42
CA GLU A 227 0.23 -51.24 -14.08
C GLU A 227 -0.22 -50.26 -12.97
N LYS A 228 -0.88 -49.15 -13.30
CA LYS A 228 -1.19 -48.04 -12.37
C LYS A 228 -0.01 -47.67 -11.51
N LYS A 229 1.21 -47.63 -12.06
CA LYS A 229 2.45 -47.24 -11.39
C LYS A 229 2.80 -45.75 -11.64
N ALA A 230 3.35 -45.04 -10.66
CA ALA A 230 3.82 -43.67 -10.80
C ALA A 230 5.19 -43.64 -11.47
N LEU A 231 5.38 -42.89 -12.54
CA LEU A 231 6.64 -42.82 -13.25
C LEU A 231 6.71 -41.51 -14.00
N SER A 232 7.83 -40.81 -13.94
CA SER A 232 8.08 -39.62 -14.73
C SER A 232 9.17 -39.89 -15.79
N ILE A 233 8.96 -39.48 -17.03
CA ILE A 233 9.84 -39.73 -18.16
C ILE A 233 10.13 -38.40 -18.85
N GLY A 234 11.39 -37.96 -18.95
CA GLY A 234 11.76 -36.79 -19.72
C GLY A 234 12.12 -37.20 -21.13
N LEU A 235 11.49 -36.65 -22.16
CA LEU A 235 11.80 -36.93 -23.56
C LEU A 235 12.57 -35.73 -24.08
N VAL A 236 13.73 -35.90 -24.70
CA VAL A 236 14.42 -34.78 -25.31
C VAL A 236 13.77 -34.57 -26.67
N GLY A 237 13.30 -33.36 -26.95
CA GLY A 237 12.39 -33.08 -28.03
C GLY A 237 11.85 -31.66 -27.99
N ASN A 238 11.28 -31.21 -29.09
CA ASN A 238 10.69 -29.90 -29.21
C ASN A 238 9.20 -30.15 -29.21
N ALA A 239 8.44 -29.62 -28.25
CA ALA A 239 7.01 -29.86 -28.13
C ALA A 239 6.26 -29.51 -29.40
N ALA A 240 6.67 -28.49 -30.16
CA ALA A 240 6.00 -28.10 -31.40
C ALA A 240 6.22 -29.15 -32.49
N GLU A 241 7.23 -30.02 -32.42
CA GLU A 241 7.38 -31.15 -33.34
C GLU A 241 6.72 -32.39 -32.72
N VAL A 242 6.95 -32.69 -31.45
CA VAL A 242 6.47 -33.92 -30.85
C VAL A 242 4.93 -33.95 -30.76
N LEU A 243 4.26 -32.90 -30.33
CA LEU A 243 2.82 -32.91 -30.15
C LEU A 243 2.00 -33.11 -31.42
N PRO A 244 2.29 -32.37 -32.50
CA PRO A 244 1.73 -32.67 -33.81
C PRO A 244 1.92 -34.11 -34.24
N ARG A 245 3.10 -34.70 -34.04
CA ARG A 245 3.34 -36.10 -34.35
C ARG A 245 2.45 -37.00 -33.50
N LEU A 246 2.42 -36.82 -32.18
CA LEU A 246 1.59 -37.60 -31.27
C LEU A 246 0.13 -37.53 -31.68
N VAL A 247 -0.37 -36.38 -32.14
CA VAL A 247 -1.73 -36.31 -32.64
C VAL A 247 -1.86 -37.22 -33.87
N GLU A 248 -0.86 -37.27 -34.74
CA GLU A 248 -0.92 -38.04 -35.98
C GLU A 248 -0.87 -39.53 -35.68
N THR A 249 -0.22 -39.99 -34.61
CA THR A 249 -0.10 -41.41 -34.30
C THR A 249 -1.29 -41.94 -33.52
N GLY A 250 -2.30 -41.13 -33.21
CA GLY A 250 -3.45 -41.61 -32.46
C GLY A 250 -3.22 -41.69 -30.96
N PHE A 251 -2.11 -41.20 -30.42
CA PHE A 251 -1.88 -41.16 -28.96
C PHE A 251 -2.59 -40.00 -28.27
N VAL A 252 -3.34 -40.24 -27.20
CA VAL A 252 -4.06 -39.21 -26.48
C VAL A 252 -3.75 -39.33 -24.98
N PRO A 253 -3.19 -38.28 -24.37
CA PRO A 253 -3.01 -38.25 -22.92
C PRO A 253 -4.31 -38.05 -22.13
N ASP A 254 -4.34 -38.41 -20.85
CA ASP A 254 -5.49 -38.13 -19.99
C ASP A 254 -5.46 -36.68 -19.60
N VAL A 255 -4.28 -36.11 -19.37
CA VAL A 255 -4.14 -34.74 -18.93
C VAL A 255 -3.10 -34.05 -19.81
N LEU A 256 -3.28 -32.78 -20.14
CA LEU A 256 -2.36 -32.07 -21.00
C LEU A 256 -2.15 -30.63 -20.54
N THR A 257 -0.90 -30.19 -20.34
CA THR A 257 -0.54 -28.81 -20.14
C THR A 257 0.74 -28.47 -20.87
N ASP A 258 1.31 -27.31 -20.59
CA ASP A 258 2.58 -26.88 -21.10
C ASP A 258 3.20 -25.85 -20.18
N GLN A 259 4.48 -25.96 -19.87
CA GLN A 259 5.26 -24.91 -19.19
C GLN A 259 6.53 -24.60 -19.97
N THR A 260 6.50 -24.60 -21.30
CA THR A 260 7.56 -24.00 -22.11
C THR A 260 7.59 -22.47 -21.88
N SER A 261 8.64 -21.77 -22.29
CA SER A 261 8.77 -20.34 -22.14
C SER A 261 8.10 -19.62 -23.30
N ALA A 262 6.83 -19.86 -23.56
CA ALA A 262 6.08 -19.30 -24.65
C ALA A 262 5.82 -17.83 -24.43
N HIS A 263 5.93 -17.33 -23.20
CA HIS A 263 5.83 -15.90 -22.85
C HIS A 263 7.00 -15.10 -23.48
N ASP A 264 8.09 -15.74 -23.91
CA ASP A 264 9.27 -15.08 -24.46
C ASP A 264 9.72 -15.78 -25.73
N PRO A 265 9.10 -15.43 -26.85
CA PRO A 265 9.46 -16.02 -28.13
C PRO A 265 10.79 -15.57 -28.77
N LEU A 266 11.58 -14.67 -28.20
CA LEU A 266 12.92 -14.36 -28.71
C LEU A 266 13.94 -15.19 -27.93
N ASN A 267 13.86 -15.20 -26.60
CA ASN A 267 14.87 -15.81 -25.77
C ASN A 267 14.40 -17.06 -25.07
N GLY A 268 13.12 -17.41 -25.14
CA GLY A 268 12.60 -18.53 -24.38
C GLY A 268 12.27 -19.69 -25.27
N TYR A 269 11.24 -19.59 -26.09
CA TYR A 269 10.70 -20.70 -26.83
C TYR A 269 11.67 -21.04 -27.93
N ILE A 270 11.98 -22.33 -28.14
CA ILE A 270 12.80 -22.80 -29.25
C ILE A 270 11.89 -23.19 -30.44
N PRO A 271 12.06 -22.55 -31.59
CA PRO A 271 11.26 -22.91 -32.76
C PRO A 271 11.48 -24.35 -33.23
N ALA A 272 10.46 -25.05 -33.71
CA ALA A 272 10.62 -26.35 -34.37
C ALA A 272 11.68 -26.31 -35.47
N GLY A 273 12.60 -27.27 -35.51
CA GLY A 273 13.58 -27.38 -36.57
C GLY A 273 14.95 -26.86 -36.17
N LEU A 274 15.13 -26.28 -34.99
CA LEU A 274 16.42 -25.68 -34.60
C LEU A 274 17.04 -26.35 -33.38
N THR A 275 18.28 -26.83 -33.46
CA THR A 275 19.01 -27.29 -32.30
C THR A 275 19.25 -26.12 -31.36
N LEU A 276 19.61 -26.32 -30.10
CA LEU A 276 19.91 -25.22 -29.21
C LEU A 276 20.98 -24.30 -29.80
N ASP A 277 22.01 -24.81 -30.47
CA ASP A 277 23.06 -24.01 -31.09
C ASP A 277 22.56 -23.30 -32.31
N GLU A 278 21.80 -23.97 -33.20
CA GLU A 278 21.17 -23.30 -34.34
C GLU A 278 20.16 -22.22 -33.87
N ALA A 279 19.49 -22.42 -32.74
CA ALA A 279 18.58 -21.44 -32.16
C ALA A 279 19.34 -20.21 -31.67
N ALA A 280 20.46 -20.38 -30.96
CA ALA A 280 21.26 -19.28 -30.45
C ALA A 280 21.92 -18.47 -31.57
N GLU A 281 22.40 -19.09 -32.65
CA GLU A 281 22.97 -18.36 -33.77
C GLU A 281 21.88 -17.53 -34.44
N LEU A 282 20.72 -18.12 -34.75
CA LEU A 282 19.61 -17.37 -35.34
C LEU A 282 19.17 -16.27 -34.40
N ARG A 283 18.95 -16.55 -33.12
CA ARG A 283 18.52 -15.56 -32.12
C ARG A 283 19.29 -14.26 -32.31
N ALA A 284 20.61 -14.32 -32.43
CA ALA A 284 21.51 -13.16 -32.43
C ALA A 284 21.62 -12.53 -33.81
N ARG A 285 21.69 -13.31 -34.88
CA ARG A 285 21.84 -12.80 -36.25
C ARG A 285 20.55 -12.22 -36.80
N ASP A 286 19.39 -12.84 -36.60
CA ASP A 286 18.15 -12.41 -37.24
C ASP A 286 16.95 -12.62 -36.31
N PRO A 287 16.85 -11.77 -35.29
CA PRO A 287 15.78 -11.81 -34.30
C PRO A 287 14.38 -11.99 -34.87
N LYS A 288 14.06 -11.35 -35.99
CA LYS A 288 12.71 -11.31 -36.54
C LYS A 288 12.37 -12.62 -37.20
N GLN A 289 13.30 -13.32 -37.82
CA GLN A 289 13.04 -14.62 -38.38
C GLN A 289 12.80 -15.58 -37.21
N TYR A 290 13.55 -15.47 -36.13
CA TYR A 290 13.46 -16.34 -34.96
C TYR A 290 12.06 -16.20 -34.36
N ILE A 291 11.65 -14.98 -34.04
CA ILE A 291 10.35 -14.67 -33.47
C ILE A 291 9.23 -15.16 -34.37
N ALA A 292 9.33 -15.04 -35.68
CA ALA A 292 8.30 -15.55 -36.60
C ALA A 292 8.23 -17.08 -36.51
N ARG A 293 9.35 -17.79 -36.53
CA ARG A 293 9.36 -19.25 -36.39
C ARG A 293 8.86 -19.65 -35.01
N ALA A 294 9.31 -19.01 -33.93
CA ALA A 294 8.80 -19.26 -32.57
C ALA A 294 7.29 -19.15 -32.49
N LYS A 295 6.71 -18.03 -32.88
CA LYS A 295 5.25 -17.82 -32.79
C LYS A 295 4.47 -18.82 -33.62
N GLN A 296 4.99 -19.23 -34.78
CA GLN A 296 4.34 -20.14 -35.69
C GLN A 296 4.48 -21.56 -35.21
N SER A 297 5.58 -21.93 -34.58
CA SER A 297 5.70 -23.18 -33.83
C SER A 297 4.68 -23.22 -32.68
N ILE A 298 4.50 -22.15 -31.91
CA ILE A 298 3.55 -22.10 -30.81
C ILE A 298 2.13 -22.29 -31.33
N ALA A 299 1.75 -21.67 -32.46
CA ALA A 299 0.46 -21.94 -33.10
C ALA A 299 0.31 -23.44 -33.39
N ALA A 300 1.36 -24.12 -33.87
CA ALA A 300 1.33 -25.54 -34.18
C ALA A 300 1.14 -26.33 -32.92
N HIS A 301 1.93 -26.04 -31.90
CA HIS A 301 1.88 -26.63 -30.57
C HIS A 301 0.46 -26.51 -30.03
N VAL A 302 -0.15 -25.32 -30.04
CA VAL A 302 -1.47 -25.10 -29.46
C VAL A 302 -2.55 -25.81 -30.28
N ARG A 303 -2.52 -25.77 -31.60
CA ARG A 303 -3.45 -26.55 -32.40
C ARG A 303 -3.40 -28.02 -32.06
N ALA A 304 -2.24 -28.62 -31.81
CA ALA A 304 -2.15 -30.03 -31.39
C ALA A 304 -2.80 -30.24 -30.04
N MSE A 305 -2.68 -29.32 -29.09
CA MSE A 305 -3.39 -29.38 -27.80
C MSE A 305 -4.90 -29.30 -28.00
O MSE A 305 -5.66 -29.96 -27.31
CB MSE A 305 -2.94 -28.25 -26.86
CG MSE A 305 -1.48 -28.29 -26.49
SE MSE A 305 -0.86 -26.77 -25.44
CE MSE A 305 -1.45 -27.26 -23.63
N LEU A 306 -5.39 -28.48 -28.92
CA LEU A 306 -6.81 -28.43 -29.26
C LEU A 306 -7.24 -29.78 -29.84
N ALA A 307 -6.43 -30.40 -30.68
CA ALA A 307 -6.78 -31.70 -31.25
C ALA A 307 -6.85 -32.76 -30.15
N MSE A 308 -5.98 -32.76 -29.14
CA MSE A 308 -6.06 -33.75 -28.05
C MSE A 308 -7.20 -33.44 -27.10
O MSE A 308 -7.84 -34.36 -26.60
CB MSE A 308 -4.78 -33.83 -27.25
CG MSE A 308 -3.58 -33.86 -28.08
SE MSE A 308 -3.22 -35.73 -28.61
SE MSE A 308 -1.76 -34.22 -27.47
CE MSE A 308 -1.28 -35.73 -28.81
CE MSE A 308 -1.06 -32.40 -27.69
N GLN A 309 -7.49 -32.17 -26.79
CA GLN A 309 -8.68 -31.82 -26.01
C GLN A 309 -9.91 -32.36 -26.73
N LYS A 310 -10.05 -32.13 -28.02
CA LYS A 310 -11.15 -32.64 -28.83
C LYS A 310 -11.29 -34.18 -28.64
N GLN A 311 -10.18 -34.94 -28.62
CA GLN A 311 -10.20 -36.38 -28.44
C GLN A 311 -10.20 -36.78 -26.98
N GLY A 312 -10.34 -35.86 -26.03
CA GLY A 312 -10.68 -36.20 -24.65
C GLY A 312 -9.64 -35.88 -23.60
N ALA A 313 -8.43 -35.41 -23.93
CA ALA A 313 -7.45 -35.01 -22.90
C ALA A 313 -8.02 -33.89 -22.03
N VAL A 314 -7.89 -33.97 -20.72
CA VAL A 314 -8.22 -32.86 -19.84
C VAL A 314 -7.08 -31.84 -20.00
N THR A 315 -7.32 -30.67 -20.60
CA THR A 315 -6.22 -29.77 -20.96
C THR A 315 -6.35 -28.39 -20.36
N PHE A 316 -5.22 -27.74 -20.02
CA PHE A 316 -5.25 -26.42 -19.38
C PHE A 316 -3.96 -25.64 -19.60
N ASP A 317 -3.98 -24.31 -19.47
CA ASP A 317 -2.82 -23.40 -19.66
C ASP A 317 -2.15 -23.25 -18.29
N TYR A 318 -0.82 -23.31 -18.17
CA TYR A 318 -0.15 -23.18 -16.89
C TYR A 318 0.57 -21.83 -16.80
N GLY A 319 -0.08 -20.73 -17.20
CA GLY A 319 0.39 -19.35 -16.98
C GLY A 319 1.53 -18.90 -17.86
N ASN A 320 1.82 -19.57 -18.98
CA ASN A 320 2.96 -19.24 -19.84
C ASN A 320 2.56 -18.44 -21.07
N ASN A 321 1.34 -17.91 -21.16
CA ASN A 321 0.87 -17.07 -22.26
C ASN A 321 0.71 -17.77 -23.62
N ILE A 322 0.66 -19.10 -23.67
CA ILE A 322 0.65 -19.84 -24.95
C ILE A 322 -0.62 -19.65 -25.75
N ARG A 323 -1.78 -19.59 -25.10
CA ARG A 323 -3.04 -19.40 -25.78
C ARG A 323 -3.07 -18.06 -26.44
N GLN A 324 -2.58 -17.00 -25.79
CA GLN A 324 -2.65 -15.65 -26.33
C GLN A 324 -1.71 -15.53 -27.52
N VAL A 325 -0.49 -16.06 -27.46
CA VAL A 325 0.39 -16.06 -28.63
C VAL A 325 -0.27 -16.78 -29.80
N ALA A 326 -0.79 -17.99 -29.65
CA ALA A 326 -1.51 -18.70 -30.70
C ALA A 326 -2.73 -17.91 -31.22
N LYS A 327 -3.49 -17.23 -30.35
CA LYS A 327 -4.65 -16.41 -30.75
C LYS A 327 -4.18 -15.27 -31.66
N ASP A 328 -3.10 -14.56 -31.31
CA ASP A 328 -2.46 -13.55 -32.11
C ASP A 328 -1.85 -14.07 -33.41
N GLU A 329 -1.71 -15.38 -33.58
CA GLU A 329 -1.24 -16.02 -34.79
C GLU A 329 -2.45 -16.50 -35.60
N GLY A 330 -3.68 -16.33 -35.12
CA GLY A 330 -4.89 -16.64 -35.86
C GLY A 330 -5.49 -17.98 -35.51
N VAL A 331 -5.05 -18.66 -34.45
CA VAL A 331 -5.71 -19.86 -33.97
C VAL A 331 -6.93 -19.35 -33.22
N ASP A 332 -8.11 -19.28 -33.84
CA ASP A 332 -9.26 -18.58 -33.24
C ASP A 332 -9.83 -19.28 -32.03
N ASP A 333 -9.62 -20.60 -31.87
CA ASP A 333 -10.14 -21.37 -30.73
C ASP A 333 -9.09 -21.63 -29.65
N ALA A 334 -8.09 -20.79 -29.49
CA ALA A 334 -6.99 -20.99 -28.56
C ALA A 334 -7.45 -20.96 -27.10
N PHE A 335 -8.49 -20.18 -26.77
CA PHE A 335 -8.99 -20.06 -25.43
C PHE A 335 -10.07 -21.11 -25.18
N SER A 336 -10.17 -22.14 -25.98
CA SER A 336 -11.20 -23.13 -25.76
C SER A 336 -10.72 -24.13 -24.72
N PHE A 337 -9.52 -23.98 -24.14
CA PHE A 337 -9.16 -24.68 -22.90
C PHE A 337 -8.79 -23.62 -21.84
N PRO A 338 -9.10 -23.92 -20.58
CA PRO A 338 -8.98 -22.94 -19.49
C PRO A 338 -7.60 -22.76 -18.90
N GLY A 339 -7.37 -21.69 -18.16
CA GLY A 339 -6.13 -21.44 -17.44
C GLY A 339 -6.21 -22.17 -16.12
N PHE A 340 -5.08 -22.55 -15.52
CA PHE A 340 -5.12 -23.42 -14.36
C PHE A 340 -5.71 -22.68 -13.15
N VAL A 341 -5.59 -21.37 -12.97
CA VAL A 341 -6.17 -20.80 -11.77
C VAL A 341 -7.70 -20.74 -11.81
N PRO A 342 -8.31 -20.16 -12.86
CA PRO A 342 -9.80 -20.17 -12.88
C PRO A 342 -10.31 -21.57 -12.78
N ALA A 343 -9.65 -22.54 -13.40
CA ALA A 343 -10.17 -23.89 -13.50
C ALA A 343 -10.00 -24.66 -12.18
N TYR A 344 -8.87 -24.56 -11.49
CA TYR A 344 -8.56 -25.48 -10.38
C TYR A 344 -8.17 -24.76 -9.09
N ILE A 345 -7.43 -23.67 -9.11
CA ILE A 345 -6.92 -23.01 -7.92
C ILE A 345 -7.91 -22.01 -7.34
N ARG A 346 -8.56 -21.18 -8.17
CA ARG A 346 -9.54 -20.21 -7.71
C ARG A 346 -10.63 -20.79 -6.81
N PRO A 347 -11.19 -21.96 -7.15
CA PRO A 347 -12.14 -22.61 -6.25
C PRO A 347 -11.57 -22.99 -4.90
N LEU A 348 -10.29 -23.25 -4.74
CA LEU A 348 -9.69 -23.49 -3.43
C LEU A 348 -9.63 -22.18 -2.65
N PHE A 349 -9.20 -21.08 -3.25
CA PHE A 349 -9.26 -19.75 -2.62
C PHE A 349 -10.68 -19.40 -2.21
N CYS A 350 -11.72 -19.77 -2.96
CA CYS A 350 -13.08 -19.40 -2.60
C CYS A 350 -13.49 -20.01 -1.27
N GLU A 351 -13.10 -21.27 -1.00
CA GLU A 351 -13.29 -21.91 0.32
C GLU A 351 -12.20 -21.48 1.31
N GLY A 352 -11.36 -20.48 1.05
CA GLY A 352 -10.35 -19.99 2.01
C GLY A 352 -9.04 -20.78 2.05
N LYS A 353 -8.93 -21.89 1.31
CA LYS A 353 -7.77 -22.75 1.36
C LYS A 353 -6.64 -22.01 0.74
N GLY A 354 -5.44 -22.09 1.30
CA GLY A 354 -4.24 -21.51 0.71
C GLY A 354 -3.00 -22.11 1.34
N PRO A 355 -1.83 -21.82 0.77
CA PRO A 355 -0.56 -22.28 1.30
C PRO A 355 -0.41 -21.93 2.78
N PHE A 356 -0.14 -22.88 3.64
CA PHE A 356 0.05 -22.64 5.06
C PHE A 356 1.45 -23.22 5.29
N ARG A 357 2.44 -22.46 5.72
CA ARG A 357 3.75 -23.02 5.94
C ARG A 357 4.20 -22.98 7.39
N TRP A 358 4.91 -23.98 7.89
CA TRP A 358 5.45 -23.86 9.24
C TRP A 358 6.88 -24.38 9.32
N VAL A 359 7.68 -23.77 10.19
CA VAL A 359 9.10 -23.98 10.30
C VAL A 359 9.45 -24.36 11.73
N ALA A 360 10.26 -25.40 11.91
CA ALA A 360 10.73 -25.86 13.22
C ALA A 360 11.98 -25.12 13.55
N LEU A 361 11.90 -24.16 14.47
CA LEU A 361 13.03 -23.33 14.88
C LEU A 361 14.06 -24.15 15.61
N SER A 362 13.71 -25.28 16.22
CA SER A 362 14.70 -26.10 16.90
C SER A 362 15.76 -26.63 15.92
N GLY A 363 15.46 -26.78 14.63
CA GLY A 363 16.36 -27.46 13.68
C GLY A 363 16.10 -28.96 13.63
N ASP A 364 15.22 -29.51 14.44
CA ASP A 364 15.01 -30.95 14.48
C ASP A 364 13.97 -31.29 13.44
N PRO A 365 14.32 -32.14 12.49
CA PRO A 365 13.38 -32.52 11.46
C PRO A 365 12.24 -33.29 12.09
N GLU A 366 12.42 -33.87 13.28
CA GLU A 366 11.37 -34.61 13.97
C GLU A 366 10.29 -33.68 14.52
N ASP A 367 10.56 -32.42 14.80
CA ASP A 367 9.50 -31.47 15.08
C ASP A 367 8.49 -31.44 13.89
N ILE A 368 8.95 -31.45 12.64
CA ILE A 368 8.09 -31.45 11.47
C ILE A 368 7.34 -32.75 11.34
N TYR A 369 8.03 -33.88 11.46
CA TYR A 369 7.38 -35.19 11.38
C TYR A 369 6.30 -35.36 12.47
N LYS A 370 6.45 -34.81 13.66
CA LYS A 370 5.40 -34.89 14.66
C LYS A 370 4.21 -34.04 14.24
N THR A 371 4.40 -32.83 13.72
CA THR A 371 3.30 -32.01 13.26
C THR A 371 2.65 -32.64 12.02
N ASP A 372 3.39 -33.32 11.14
CA ASP A 372 2.80 -34.10 10.06
C ASP A 372 1.81 -35.10 10.60
N GLU A 373 2.17 -35.93 11.59
CA GLU A 373 1.22 -36.86 12.21
C GLU A 373 -0.04 -36.14 12.64
N VAL A 374 -0.02 -34.93 13.21
CA VAL A 374 -1.29 -34.28 13.60
C VAL A 374 -2.09 -33.88 12.37
N ILE A 375 -1.50 -33.48 11.25
CA ILE A 375 -2.25 -33.33 10.01
C ILE A 375 -2.92 -34.67 9.63
N LEU A 376 -2.26 -35.81 9.78
CA LEU A 376 -2.79 -37.11 9.41
C LEU A 376 -3.94 -37.54 10.31
N ARG A 377 -3.91 -37.27 11.62
CA ARG A 377 -5.02 -37.54 12.53
C ARG A 377 -6.16 -36.51 12.35
N GLU A 378 -5.83 -35.22 12.32
CA GLU A 378 -6.80 -34.17 12.49
C GLU A 378 -7.49 -33.81 11.16
N PHE A 379 -6.88 -34.00 9.99
CA PHE A 379 -7.52 -33.75 8.70
C PHE A 379 -7.58 -35.01 7.83
N SER A 380 -7.66 -36.19 8.43
CA SER A 380 -7.76 -37.49 7.73
C SER A 380 -8.90 -37.57 6.71
N ASP A 381 -9.94 -36.76 6.82
CA ASP A 381 -10.95 -36.61 5.76
C ASP A 381 -10.32 -36.19 4.46
N ASN A 382 -9.29 -35.36 4.44
CA ASN A 382 -8.77 -34.79 3.20
C ASN A 382 -7.70 -35.66 2.60
N GLU A 383 -8.05 -36.54 1.66
CA GLU A 383 -7.14 -37.57 1.18
C GLU A 383 -5.90 -37.02 0.46
N ARG A 384 -6.04 -36.00 -0.39
CA ARG A 384 -4.90 -35.46 -1.13
C ARG A 384 -3.94 -34.72 -0.19
N LEU A 385 -4.41 -34.09 0.88
CA LEU A 385 -3.56 -33.51 1.90
C LEU A 385 -2.73 -34.57 2.59
N CYS A 386 -3.37 -35.61 3.12
CA CYS A 386 -2.72 -36.73 3.79
C CYS A 386 -1.80 -37.51 2.87
N HIS A 387 -2.14 -37.69 1.60
CA HIS A 387 -1.26 -38.34 0.65
C HIS A 387 -0.04 -37.46 0.42
N TRP A 388 -0.23 -36.14 0.32
CA TRP A 388 0.86 -35.14 0.23
C TRP A 388 1.81 -35.23 1.42
N ILE A 389 1.32 -35.19 2.64
CA ILE A 389 2.16 -35.38 3.82
C ILE A 389 2.98 -36.68 3.75
N ARG A 390 2.38 -37.83 3.46
CA ARG A 390 3.10 -39.10 3.37
C ARG A 390 4.15 -39.11 2.27
N MSE A 391 3.86 -38.61 1.07
CA MSE A 391 4.79 -38.57 -0.04
C MSE A 391 5.88 -37.55 0.21
O MSE A 391 7.03 -37.77 -0.20
CB MSE A 391 4.06 -38.23 -1.34
CG MSE A 391 3.03 -39.25 -1.75
SE MSE A 391 3.79 -41.04 -1.94
CE MSE A 391 3.37 -41.87 -0.22
N ALA A 392 5.58 -36.40 0.81
CA ALA A 392 6.57 -35.37 1.17
C ALA A 392 7.64 -35.91 2.11
N GLN A 393 7.33 -36.82 3.01
CA GLN A 393 8.31 -37.36 3.94
C GLN A 393 9.33 -38.22 3.18
N LYS A 394 8.96 -38.92 2.12
CA LYS A 394 9.92 -39.63 1.30
C LYS A 394 10.62 -38.72 0.30
N ARG A 395 9.93 -37.81 -0.39
CA ARG A 395 10.41 -37.18 -1.61
C ARG A 395 10.98 -35.78 -1.39
N ILE A 396 10.48 -35.00 -0.43
CA ILE A 396 10.96 -33.66 -0.16
C ILE A 396 12.12 -33.75 0.79
N LYS A 397 13.30 -33.25 0.46
CA LYS A 397 14.39 -33.09 1.42
C LYS A 397 14.34 -31.70 2.04
N PHE A 398 14.57 -31.55 3.35
CA PHE A 398 14.58 -30.25 4.02
C PHE A 398 15.74 -29.39 3.53
N GLN A 399 15.55 -28.08 3.38
CA GLN A 399 16.59 -27.15 2.99
C GLN A 399 16.61 -26.05 4.05
N GLY A 400 17.70 -25.87 4.77
CA GLY A 400 17.73 -24.93 5.88
C GLY A 400 16.93 -25.51 7.03
N LEU A 401 16.21 -24.71 7.81
CA LEU A 401 15.39 -25.22 8.89
C LEU A 401 14.28 -26.09 8.33
N PRO A 402 14.00 -27.21 9.00
CA PRO A 402 12.96 -28.10 8.51
C PRO A 402 11.64 -27.38 8.48
N ALA A 403 10.86 -27.53 7.42
CA ALA A 403 9.68 -26.75 7.21
C ALA A 403 8.71 -27.58 6.41
N ARG A 404 7.41 -27.34 6.55
CA ARG A 404 6.40 -28.01 5.78
C ARG A 404 5.45 -26.97 5.19
N ILE A 405 4.95 -27.21 3.99
CA ILE A 405 3.92 -26.41 3.39
C ILE A 405 2.76 -27.34 3.04
N CYS A 406 1.53 -26.92 3.29
CA CYS A 406 0.38 -27.51 2.65
C CYS A 406 -0.80 -26.54 2.62
N TRP A 407 -1.90 -26.86 1.94
CA TRP A 407 -3.02 -25.95 1.81
C TRP A 407 -4.04 -26.29 2.88
N LEU A 408 -4.38 -25.35 3.74
CA LEU A 408 -5.44 -25.52 4.74
C LEU A 408 -6.37 -24.34 4.57
N GLY A 409 -7.67 -24.48 4.77
CA GLY A 409 -8.55 -23.32 4.63
C GLY A 409 -9.05 -22.67 5.90
N TYR A 410 -10.18 -21.97 5.82
CA TYR A 410 -10.84 -21.27 6.91
C TYR A 410 -11.28 -22.24 8.00
N GLY A 411 -10.90 -22.00 9.26
CA GLY A 411 -11.21 -22.89 10.41
C GLY A 411 -10.11 -23.89 10.65
N GLU A 412 -9.61 -24.55 9.61
CA GLU A 412 -8.58 -25.57 9.68
C GLU A 412 -7.26 -24.98 10.15
N ARG A 413 -6.87 -23.80 9.68
CA ARG A 413 -5.62 -23.16 10.08
C ARG A 413 -5.54 -22.88 11.58
N ALA A 414 -6.57 -22.28 12.18
CA ALA A 414 -6.62 -21.93 13.59
C ALA A 414 -6.61 -23.20 14.43
N LYS A 415 -7.31 -24.25 14.04
CA LYS A 415 -7.29 -25.54 14.73
C LYS A 415 -5.89 -26.14 14.74
N PHE A 416 -5.21 -26.26 13.63
CA PHE A 416 -3.84 -26.71 13.60
C PHE A 416 -2.95 -25.79 14.45
N GLY A 417 -3.06 -24.47 14.29
CA GLY A 417 -2.28 -23.49 15.06
C GLY A 417 -2.37 -23.72 16.56
N LYS A 418 -3.54 -24.04 17.11
CA LYS A 418 -3.72 -24.30 18.54
C LYS A 418 -3.08 -25.62 18.96
N ILE A 419 -3.22 -26.71 18.21
CA ILE A 419 -2.61 -27.99 18.57
C ILE A 419 -1.10 -27.82 18.62
N ILE A 420 -0.49 -27.21 17.63
CA ILE A 420 0.95 -26.89 17.64
C ILE A 420 1.30 -26.06 18.85
N ASN A 421 0.54 -25.04 19.22
CA ASN A 421 0.90 -24.25 20.36
C ASN A 421 0.82 -25.12 21.60
N ASP A 422 -0.17 -26.01 21.77
CA ASP A 422 -0.21 -26.96 22.89
C ASP A 422 1.00 -27.90 22.89
N MSE A 423 1.41 -28.47 21.77
CA MSE A 423 2.60 -29.33 21.70
C MSE A 423 3.90 -28.60 22.07
O MSE A 423 4.76 -29.18 22.71
CB MSE A 423 2.73 -29.93 20.32
CG MSE A 423 1.56 -30.80 19.92
SE MSE A 423 1.69 -31.28 18.04
CE MSE A 423 3.20 -32.51 18.27
N VAL A 424 4.10 -27.34 21.71
CA VAL A 424 5.25 -26.55 22.15
C VAL A 424 5.15 -26.33 23.66
N ALA A 425 3.97 -26.01 24.21
CA ALA A 425 3.75 -25.80 25.64
C ALA A 425 4.11 -27.06 26.43
N LYS A 426 3.78 -28.25 25.93
CA LYS A 426 4.05 -29.54 26.57
C LYS A 426 5.49 -30.02 26.40
N GLY A 427 6.33 -29.42 25.56
CA GLY A 427 7.66 -29.95 25.26
C GLY A 427 7.63 -31.11 24.28
N GLU A 428 6.52 -31.47 23.65
CA GLU A 428 6.50 -32.47 22.56
C GLU A 428 7.19 -31.94 21.32
N LEU A 429 7.26 -30.62 21.13
CA LEU A 429 8.14 -30.00 20.15
C LEU A 429 9.28 -29.36 20.92
N LYS A 430 10.50 -29.39 20.39
CA LYS A 430 11.68 -28.94 21.12
C LYS A 430 11.82 -27.41 21.15
N ALA A 431 11.15 -26.66 20.28
CA ALA A 431 11.20 -25.21 20.33
C ALA A 431 9.95 -24.69 19.62
N PRO A 432 9.70 -23.36 19.69
CA PRO A 432 8.58 -22.76 19.00
C PRO A 432 8.53 -22.99 17.50
N ILE A 433 7.35 -22.85 16.92
CA ILE A 433 7.13 -23.07 15.51
C ILE A 433 6.77 -21.74 14.88
N VAL A 434 7.44 -21.34 13.80
CA VAL A 434 7.05 -20.22 12.99
C VAL A 434 5.95 -20.66 12.01
N ILE A 435 4.81 -19.97 11.99
CA ILE A 435 3.73 -20.20 11.04
C ILE A 435 3.59 -18.98 10.12
N GLY A 436 3.55 -19.16 8.83
CA GLY A 436 3.60 -18.03 7.92
C GLY A 436 2.78 -18.18 6.67
N ARG A 437 2.40 -17.04 6.08
CA ARG A 437 1.85 -16.99 4.74
C ARG A 437 2.72 -16.02 3.97
N ASP A 438 3.44 -16.49 2.97
CA ASP A 438 4.28 -15.66 2.10
C ASP A 438 3.45 -14.70 1.25
N HIS A 439 4.03 -13.61 0.77
CA HIS A 439 3.40 -12.61 -0.13
C HIS A 439 2.58 -13.17 -1.30
N LEU A 440 2.97 -14.29 -1.93
CA LEU A 440 2.33 -14.85 -3.13
C LEU A 440 0.94 -15.46 -2.86
N ASP A 460 -5.89 1.08 -9.37
CA ASP A 460 -5.61 0.59 -8.02
C ASP A 460 -6.96 0.23 -7.41
N ALA A 461 -7.07 -0.70 -6.46
CA ALA A 461 -8.35 -1.17 -5.85
C ALA A 461 -8.16 -2.62 -5.49
N ILE A 462 -7.65 -3.39 -6.44
CA ILE A 462 -6.94 -4.62 -6.20
C ILE A 462 -6.00 -4.40 -4.97
N ALA A 463 -5.33 -3.25 -4.85
CA ALA A 463 -4.34 -3.02 -3.78
C ALA A 463 -4.92 -2.76 -2.39
N ASP A 464 -6.21 -2.41 -2.25
CA ASP A 464 -6.90 -2.28 -0.96
C ASP A 464 -6.73 -3.54 -0.12
N TRP A 465 -6.83 -4.72 -0.72
CA TRP A 465 -6.91 -5.99 -0.02
C TRP A 465 -5.68 -6.41 0.77
N PRO A 466 -4.48 -6.39 0.15
CA PRO A 466 -3.23 -6.63 0.91
C PRO A 466 -2.98 -5.61 1.99
N ILE A 467 -3.43 -4.38 1.84
CA ILE A 467 -3.27 -3.37 2.86
C ILE A 467 -4.18 -3.68 4.04
N LEU A 468 -5.43 -4.08 3.81
CA LEU A 468 -6.35 -4.44 4.89
C LEU A 468 -5.85 -5.72 5.56
N ASN A 469 -5.38 -6.70 4.80
CA ASN A 469 -4.84 -7.92 5.32
C ASN A 469 -3.64 -7.63 6.28
N ALA A 470 -2.68 -6.81 5.88
CA ALA A 470 -1.56 -6.40 6.70
C ALA A 470 -2.01 -5.68 7.97
N LEU A 471 -2.93 -4.75 7.84
CA LEU A 471 -3.44 -3.99 8.95
C LEU A 471 -4.19 -4.91 9.92
N LEU A 472 -5.01 -5.82 9.41
CA LEU A 472 -5.77 -6.75 10.22
C LEU A 472 -4.88 -7.77 10.92
N ASN A 473 -3.91 -8.38 10.25
CA ASN A 473 -2.97 -9.32 10.89
C ASN A 473 -2.13 -8.64 11.97
N ALA A 474 -1.70 -7.41 11.76
CA ALA A 474 -0.93 -6.63 12.71
C ALA A 474 -1.73 -6.43 14.00
N VAL A 475 -2.95 -5.98 13.88
CA VAL A 475 -3.91 -5.74 14.95
C VAL A 475 -4.31 -7.03 15.69
N GLY A 476 -4.38 -8.18 15.02
CA GLY A 476 -4.66 -9.46 15.65
C GLY A 476 -3.46 -10.01 16.38
N GLY A 477 -2.24 -9.53 16.13
CA GLY A 477 -1.08 -9.91 16.91
C GLY A 477 -0.19 -10.90 16.16
N ALA A 478 -0.08 -10.77 14.84
CA ALA A 478 0.92 -11.45 14.07
C ALA A 478 2.25 -11.13 14.69
N SER A 479 3.24 -12.01 14.60
CA SER A 479 4.54 -11.78 15.20
C SER A 479 5.27 -10.79 14.32
N TRP A 480 5.14 -10.89 13.01
CA TRP A 480 5.56 -9.83 12.15
C TRP A 480 4.75 -9.78 10.86
N VAL A 481 4.78 -8.68 10.17
CA VAL A 481 3.93 -8.39 9.04
C VAL A 481 4.76 -7.66 8.00
N SER A 482 4.63 -7.98 6.74
CA SER A 482 5.45 -7.36 5.72
C SER A 482 4.58 -6.92 4.57
N VAL A 483 4.81 -5.72 4.05
CA VAL A 483 4.16 -5.23 2.86
C VAL A 483 5.21 -4.98 1.78
N HIS A 484 5.03 -5.51 0.57
CA HIS A 484 5.95 -5.28 -0.50
C HIS A 484 5.32 -4.40 -1.55
N HIS A 485 6.01 -3.34 -1.97
CA HIS A 485 5.60 -2.44 -3.01
C HIS A 485 6.55 -2.60 -4.19
N GLY A 486 6.05 -3.03 -5.35
CA GLY A 486 6.84 -3.30 -6.55
C GLY A 486 6.35 -2.57 -7.80
N GLY A 487 7.12 -2.60 -8.89
CA GLY A 487 6.80 -1.98 -10.18
C GLY A 487 7.47 -0.63 -10.42
N GLY A 488 6.91 0.26 -11.24
CA GLY A 488 7.50 1.56 -11.51
C GLY A 488 6.65 2.36 -12.48
N VAL A 489 6.88 3.66 -12.65
CA VAL A 489 6.26 4.41 -13.74
C VAL A 489 6.58 3.60 -15.02
N GLY A 490 5.65 3.39 -15.93
CA GLY A 490 5.97 2.67 -17.16
C GLY A 490 5.64 1.20 -17.11
N MSE A 491 5.27 0.67 -15.97
CA MSE A 491 4.78 -0.70 -15.89
C MSE A 491 3.63 -0.85 -14.89
O MSE A 491 3.02 -1.91 -14.82
CB MSE A 491 5.91 -1.60 -15.48
CG MSE A 491 6.55 -1.22 -14.16
SE MSE A 491 8.00 -2.44 -13.74
CE MSE A 491 9.04 -2.16 -15.38
N GLY A 492 3.31 0.16 -14.09
CA GLY A 492 2.32 0.05 -13.04
C GLY A 492 2.90 -0.54 -11.78
N TYR A 493 2.09 -0.69 -10.73
CA TYR A 493 2.56 -0.98 -9.39
C TYR A 493 1.85 -2.18 -8.80
N SER A 494 2.43 -2.86 -7.82
CA SER A 494 1.77 -3.95 -7.13
C SER A 494 2.07 -3.91 -5.64
N ILE A 495 1.15 -4.40 -4.81
CA ILE A 495 1.31 -4.52 -3.38
C ILE A 495 1.07 -5.96 -2.95
N HIS A 496 1.92 -6.51 -2.10
CA HIS A 496 1.71 -7.82 -1.52
C HIS A 496 2.00 -7.71 -0.04
N ALA A 497 1.33 -8.50 0.76
CA ALA A 497 1.47 -8.47 2.17
C ALA A 497 1.66 -9.92 2.58
N GLY A 498 2.53 -10.20 3.55
CA GLY A 498 2.64 -11.49 4.18
C GLY A 498 2.61 -11.34 5.69
N MSE A 499 2.64 -12.43 6.44
CA MSE A 499 2.71 -12.41 7.88
C MSE A 499 3.37 -13.66 8.44
O MSE A 499 3.43 -14.71 7.80
CB MSE A 499 1.31 -12.22 8.51
CG MSE A 499 0.28 -13.30 8.16
SE MSE A 499 -0.18 -14.47 9.68
CE MSE A 499 0.93 -16.02 9.29
N VAL A 500 3.89 -13.57 9.67
CA VAL A 500 4.35 -14.67 10.43
C VAL A 500 3.75 -14.63 11.83
N ILE A 501 3.36 -15.76 12.40
CA ILE A 501 3.05 -15.83 13.79
C ILE A 501 3.78 -17.01 14.46
N VAL A 502 4.34 -16.80 15.65
CA VAL A 502 5.16 -17.77 16.35
C VAL A 502 4.29 -18.44 17.38
N ALA A 503 4.15 -19.77 17.31
CA ALA A 503 3.53 -20.55 18.36
C ALA A 503 4.62 -20.90 19.41
N ASP A 504 4.73 -20.14 20.48
CA ASP A 504 5.74 -20.37 21.52
C ASP A 504 5.16 -21.06 22.75
N GLY A 505 3.98 -21.66 22.71
CA GLY A 505 3.44 -22.42 23.81
C GLY A 505 2.75 -21.57 24.87
N THR A 506 2.81 -20.24 24.81
CA THR A 506 2.16 -19.39 25.80
C THR A 506 0.64 -19.19 25.58
N LYS A 507 -0.08 -18.83 26.63
CA LYS A 507 -1.49 -18.47 26.52
C LYS A 507 -1.66 -17.17 25.76
N GLU A 508 -0.72 -16.24 25.79
CA GLU A 508 -0.84 -15.03 25.04
C GLU A 508 -0.72 -15.39 23.54
N ALA A 509 0.22 -16.23 23.11
CA ALA A 509 0.32 -16.68 21.72
C ALA A 509 -0.93 -17.42 21.23
N GLU A 510 -1.60 -18.20 22.05
CA GLU A 510 -2.80 -18.93 21.68
C GLU A 510 -3.90 -17.96 21.27
N LYS A 511 -4.14 -16.88 22.02
CA LYS A 511 -5.11 -15.85 21.69
C LYS A 511 -4.76 -15.15 20.39
N ARG A 512 -3.50 -14.81 20.14
CA ARG A 512 -3.10 -14.23 18.87
C ARG A 512 -3.24 -15.19 17.71
N LEU A 513 -2.89 -16.47 17.86
CA LEU A 513 -3.07 -17.51 16.84
C LEU A 513 -4.55 -17.65 16.45
N GLU A 514 -5.47 -17.79 17.39
CA GLU A 514 -6.91 -17.77 17.14
C GLU A 514 -7.35 -16.56 16.34
N ARG A 515 -6.96 -15.33 16.65
CA ARG A 515 -7.36 -14.19 15.85
C ARG A 515 -6.75 -14.20 14.46
N VAL A 516 -5.45 -14.30 14.32
CA VAL A 516 -4.75 -14.09 13.04
C VAL A 516 -4.97 -15.22 12.06
N LEU A 517 -5.07 -16.47 12.50
CA LEU A 517 -5.28 -17.62 11.62
C LEU A 517 -6.75 -17.71 11.18
N THR A 518 -7.65 -16.95 11.81
CA THR A 518 -9.02 -16.71 11.41
C THR A 518 -9.12 -15.54 10.44
N THR A 519 -8.47 -14.40 10.67
CA THR A 519 -8.62 -13.21 9.79
C THR A 519 -7.89 -13.33 8.45
N ASP A 520 -6.77 -14.02 8.40
CA ASP A 520 -5.99 -14.10 7.20
C ASP A 520 -6.77 -14.88 6.11
N PRO A 521 -7.20 -16.12 6.34
CA PRO A 521 -8.04 -16.81 5.33
C PRO A 521 -9.45 -16.23 5.18
N GLY A 522 -10.08 -15.62 6.19
CA GLY A 522 -11.44 -15.09 6.07
C GLY A 522 -11.47 -13.95 5.06
N LEU A 523 -10.43 -13.13 5.01
CA LEU A 523 -10.35 -12.01 4.10
C LEU A 523 -10.27 -12.47 2.65
N GLY A 524 -9.54 -13.53 2.33
CA GLY A 524 -9.58 -14.13 0.99
C GLY A 524 -10.95 -14.67 0.58
N VAL A 525 -11.70 -15.29 1.48
CA VAL A 525 -13.09 -15.67 1.22
C VAL A 525 -13.96 -14.44 0.93
N ILE A 526 -13.83 -13.39 1.72
CA ILE A 526 -14.62 -12.22 1.57
C ILE A 526 -14.33 -11.53 0.22
N ARG A 527 -13.08 -11.39 -0.16
CA ARG A 527 -12.72 -10.89 -1.47
C ARG A 527 -13.40 -11.72 -2.55
N HIS A 528 -13.42 -13.04 -2.48
CA HIS A 528 -14.07 -13.84 -3.52
C HIS A 528 -15.59 -13.76 -3.44
N ALA A 529 -16.20 -13.68 -2.27
CA ALA A 529 -17.66 -13.58 -2.12
C ALA A 529 -18.16 -12.23 -2.63
N ASP A 530 -17.45 -11.15 -2.35
CA ASP A 530 -17.71 -9.82 -2.85
C ASP A 530 -17.65 -9.80 -4.37
N ALA A 531 -16.72 -10.51 -4.99
CA ALA A 531 -16.56 -10.54 -6.42
C ALA A 531 -17.63 -11.41 -7.10
N GLY A 532 -18.51 -12.09 -6.37
CA GLY A 532 -19.60 -12.81 -6.96
C GLY A 532 -19.45 -14.32 -7.05
N TYR A 533 -18.30 -14.90 -6.68
CA TYR A 533 -18.11 -16.34 -6.68
C TYR A 533 -19.03 -17.04 -5.70
N GLU A 534 -19.97 -17.85 -6.17
CA GLU A 534 -20.93 -18.59 -5.37
C GLU A 534 -20.27 -19.54 -4.38
N LEU A 535 -19.14 -20.18 -4.70
CA LEU A 535 -18.47 -21.03 -3.72
C LEU A 535 -18.04 -20.21 -2.52
N ALA A 536 -17.52 -19.00 -2.71
CA ALA A 536 -17.08 -18.14 -1.63
C ALA A 536 -18.28 -17.61 -0.85
N ILE A 537 -19.37 -17.21 -1.51
CA ILE A 537 -20.61 -16.80 -0.83
C ILE A 537 -21.14 -17.93 0.05
N ARG A 538 -21.22 -19.15 -0.47
CA ARG A 538 -21.56 -20.36 0.31
C ARG A 538 -20.63 -20.53 1.52
N THR A 539 -19.32 -20.41 1.35
CA THR A 539 -18.40 -20.52 2.46
C THR A 539 -18.64 -19.39 3.49
N ALA A 540 -18.81 -18.14 3.09
CA ALA A 540 -19.05 -17.05 4.02
C ALA A 540 -20.29 -17.33 4.85
N LYS A 541 -21.38 -17.79 4.26
CA LYS A 541 -22.58 -18.07 4.98
C LYS A 541 -22.47 -19.34 5.85
N GLU A 542 -21.90 -20.44 5.40
CA GLU A 542 -21.77 -21.60 6.27
C GLU A 542 -20.86 -21.33 7.45
N LYS A 543 -19.78 -20.58 7.31
CA LYS A 543 -18.80 -20.42 8.35
C LYS A 543 -19.13 -19.22 9.22
N GLY A 544 -20.23 -18.50 8.98
CA GLY A 544 -20.57 -17.34 9.77
C GLY A 544 -19.64 -16.14 9.57
N ILE A 545 -18.97 -15.93 8.45
CA ILE A 545 -18.18 -14.72 8.25
C ILE A 545 -19.08 -13.49 8.08
N ASP A 546 -18.91 -12.43 8.87
CA ASP A 546 -19.79 -11.28 8.90
C ASP A 546 -19.57 -10.35 7.70
N MSE A 547 -20.48 -10.30 6.73
CA MSE A 547 -20.32 -9.50 5.53
C MSE A 547 -21.49 -8.58 5.37
O MSE A 547 -22.53 -9.00 4.88
CB MSE A 547 -20.22 -10.39 4.29
CG MSE A 547 -19.01 -11.27 4.29
SE MSE A 547 -18.66 -12.11 2.55
CE MSE A 547 -19.01 -10.63 1.31
N PRO A 548 -21.37 -7.34 5.82
CA PRO A 548 -22.49 -6.37 5.77
C PRO A 548 -23.21 -6.18 4.43
N MSE A 549 -22.63 -6.40 3.27
CA MSE A 549 -23.31 -6.14 1.99
C MSE A 549 -23.85 -7.42 1.37
O MSE A 549 -24.54 -7.36 0.36
CB MSE A 549 -22.36 -5.48 0.97
CG MSE A 549 -21.69 -4.19 1.37
SE MSE A 549 -22.81 -2.61 1.19
CE MSE A 549 -23.44 -2.64 -0.65
N LEU A 550 -23.55 -8.61 1.89
CA LEU A 550 -23.94 -9.90 1.29
C LEU A 550 -25.42 -10.16 1.49
N LYS A 551 -26.22 -10.24 0.42
CA LYS A 551 -27.66 -10.62 0.44
C LYS A 551 -28.46 -9.83 1.49
N ALA B 11 -25.70 13.17 17.63
CA ALA B 11 -25.91 14.54 18.22
C ALA B 11 -26.03 14.51 19.75
N GLY B 12 -25.24 15.31 20.47
CA GLY B 12 -25.44 15.54 21.88
C GLY B 12 -24.55 14.73 22.79
N THR B 13 -24.92 14.59 24.06
CA THR B 13 -24.09 14.02 25.09
C THR B 13 -24.26 12.51 25.21
N GLU B 14 -25.23 11.89 24.54
CA GLU B 14 -25.42 10.44 24.63
C GLU B 14 -25.29 9.70 23.28
N ARG B 15 -24.75 8.49 23.27
CA ARG B 15 -24.47 7.73 22.07
C ARG B 15 -25.61 6.80 21.71
N ARG B 16 -25.83 6.48 20.44
CA ARG B 16 -26.75 5.40 20.05
C ARG B 16 -25.93 4.13 19.74
N ALA B 17 -24.65 4.23 19.37
CA ALA B 17 -23.80 3.09 19.10
C ALA B 17 -23.38 2.39 20.41
N LYS B 18 -22.74 1.22 20.35
CA LYS B 18 -22.33 0.45 21.53
C LYS B 18 -21.08 0.99 22.16
N GLY B 19 -20.44 2.01 21.60
CA GLY B 19 -19.26 2.59 22.21
C GLY B 19 -18.99 3.93 21.58
N TRP B 20 -18.18 4.78 22.19
CA TRP B 20 -17.91 6.10 21.67
C TRP B 20 -17.05 6.14 20.42
N ILE B 21 -16.15 5.21 20.16
CA ILE B 21 -15.46 5.20 18.86
C ILE B 21 -16.46 5.00 17.73
N GLN B 22 -17.40 4.06 17.85
CA GLN B 22 -18.38 3.78 16.80
C GLN B 22 -19.26 5.01 16.60
N GLU B 23 -19.64 5.69 17.68
CA GLU B 23 -20.46 6.89 17.65
C GLU B 23 -19.70 8.04 17.00
N ALA B 24 -18.42 8.27 17.32
CA ALA B 24 -17.57 9.21 16.63
C ALA B 24 -17.54 8.96 15.12
N ALA B 25 -17.31 7.72 14.66
CA ALA B 25 -17.30 7.36 13.26
C ALA B 25 -18.62 7.80 12.65
N LEU B 26 -19.76 7.42 13.22
CA LEU B 26 -21.07 7.88 12.76
C LEU B 26 -21.16 9.40 12.65
N ARG B 27 -20.71 10.16 13.66
CA ARG B 27 -20.88 11.58 13.65
C ARG B 27 -19.95 12.22 12.65
N MSE B 28 -18.73 11.72 12.48
CA MSE B 28 -17.78 12.28 11.55
C MSE B 28 -18.25 12.02 10.12
O MSE B 28 -18.14 12.89 9.24
CB MSE B 28 -16.39 11.67 11.77
CG MSE B 28 -15.66 12.08 13.04
SE MSE B 28 -15.83 13.99 13.43
CE MSE B 28 -14.86 14.72 11.89
N LEU B 29 -18.76 10.82 9.86
CA LEU B 29 -19.38 10.44 8.60
C LEU B 29 -20.55 11.36 8.24
N ASN B 30 -21.52 11.54 9.14
CA ASN B 30 -22.66 12.44 8.99
C ASN B 30 -22.22 13.89 8.83
N ASN B 31 -21.18 14.33 9.54
CA ASN B 31 -20.60 15.66 9.44
C ASN B 31 -20.06 15.93 8.04
N ASN B 32 -19.39 14.97 7.39
CA ASN B 32 -18.86 15.08 6.03
C ASN B 32 -19.93 15.45 5.05
N LEU B 33 -21.19 15.08 5.24
CA LEU B 33 -22.25 15.49 4.34
C LEU B 33 -23.14 16.56 4.97
N HIS B 34 -22.66 17.31 5.96
CA HIS B 34 -23.37 18.47 6.50
C HIS B 34 -23.41 19.55 5.42
N PRO B 35 -24.54 20.25 5.29
CA PRO B 35 -24.69 21.30 4.26
C PRO B 35 -23.57 22.35 4.28
N ASP B 36 -23.14 22.84 5.45
CA ASP B 36 -22.08 23.84 5.57
C ASP B 36 -20.69 23.25 5.47
N VAL B 37 -20.52 21.93 5.45
CA VAL B 37 -19.21 21.29 5.35
C VAL B 37 -19.01 20.80 3.91
N ALA B 38 -20.01 20.16 3.29
CA ALA B 38 -19.87 19.47 2.00
C ALA B 38 -20.14 20.35 0.76
N GLU B 39 -19.47 20.07 -0.37
CA GLU B 39 -19.77 20.64 -1.70
C GLU B 39 -21.16 20.22 -2.22
N ARG B 40 -21.37 18.93 -2.47
CA ARG B 40 -22.60 18.39 -3.06
C ARG B 40 -22.98 17.11 -2.31
N PRO B 41 -23.44 17.26 -1.06
CA PRO B 41 -23.68 16.11 -0.18
C PRO B 41 -24.73 15.11 -0.69
N ASP B 42 -25.68 15.50 -1.54
CA ASP B 42 -26.61 14.58 -2.21
C ASP B 42 -25.87 13.61 -3.12
N GLU B 43 -24.62 13.87 -3.49
CA GLU B 43 -23.77 12.95 -4.21
C GLU B 43 -22.55 12.67 -3.33
N LEU B 44 -21.33 12.90 -3.80
CA LEU B 44 -20.13 13.00 -2.95
C LEU B 44 -20.40 13.71 -1.64
N LYS B 52 -16.02 11.85 -1.91
CA LYS B 52 -17.07 10.90 -1.51
C LYS B 52 -16.78 10.19 -0.19
N ALA B 53 -17.67 10.26 0.81
CA ALA B 53 -17.54 9.53 2.08
C ALA B 53 -17.68 8.01 1.98
N ALA B 54 -18.48 7.48 1.05
CA ALA B 54 -18.70 6.06 0.84
C ALA B 54 -18.78 5.82 -0.66
N ARG B 55 -18.75 4.59 -1.14
CA ARG B 55 -18.69 4.32 -2.58
C ARG B 55 -19.98 4.77 -3.28
N ASN B 56 -21.13 4.68 -2.62
CA ASN B 56 -22.45 4.96 -3.16
C ASN B 56 -23.40 4.93 -1.96
N TRP B 57 -24.69 5.22 -2.13
CA TRP B 57 -25.65 5.38 -1.03
C TRP B 57 -26.03 4.09 -0.36
N GLU B 58 -26.08 2.96 -1.05
CA GLU B 58 -26.19 1.66 -0.34
C GLU B 58 -25.01 1.37 0.58
N CYS B 59 -23.78 1.67 0.18
CA CYS B 59 -22.61 1.55 1.06
C CYS B 59 -22.73 2.53 2.23
N TYR B 60 -23.11 3.78 2.01
CA TYR B 60 -23.30 4.72 3.11
C TYR B 60 -24.24 4.15 4.16
N GLU B 61 -25.40 3.63 3.79
CA GLU B 61 -26.43 3.18 4.71
C GLU B 61 -25.93 1.94 5.43
N ALA B 62 -25.24 1.07 4.72
CA ALA B 62 -24.65 -0.13 5.29
C ALA B 62 -23.58 0.23 6.29
N ILE B 63 -22.74 1.24 6.06
CA ILE B 63 -21.72 1.64 7.02
C ILE B 63 -22.38 2.12 8.30
N VAL B 64 -23.41 2.97 8.20
CA VAL B 64 -24.12 3.51 9.33
C VAL B 64 -24.80 2.38 10.10
N ASP B 65 -25.51 1.46 9.43
CA ASP B 65 -26.17 0.34 10.11
C ASP B 65 -25.14 -0.52 10.81
N THR B 66 -23.98 -0.79 10.20
CA THR B 66 -22.99 -1.65 10.79
C THR B 66 -22.35 -0.95 11.95
N LEU B 67 -22.10 0.36 11.90
CA LEU B 67 -21.46 1.05 13.01
C LEU B 67 -22.36 1.11 14.22
N LEU B 68 -23.69 1.08 14.08
CA LEU B 68 -24.58 1.11 15.23
C LEU B 68 -24.61 -0.23 15.94
N ARG B 69 -24.34 -1.36 15.30
CA ARG B 69 -24.37 -2.66 15.96
C ARG B 69 -22.98 -3.27 16.15
N LEU B 70 -21.92 -2.59 15.70
CA LEU B 70 -20.54 -3.03 15.84
C LEU B 70 -20.14 -3.09 17.32
N GLU B 71 -19.64 -4.23 17.80
CA GLU B 71 -19.19 -4.41 19.17
C GLU B 71 -17.83 -3.80 19.42
N ASN B 72 -17.50 -3.59 20.68
CA ASN B 72 -16.29 -2.97 21.12
C ASN B 72 -15.09 -3.87 20.93
N ASP B 73 -15.23 -5.15 20.63
CA ASP B 73 -14.11 -6.00 20.21
C ASP B 73 -14.16 -6.40 18.73
N GLU B 74 -14.91 -5.71 17.88
CA GLU B 74 -14.95 -6.00 16.44
C GLU B 74 -14.35 -4.89 15.58
N THR B 75 -13.94 -5.17 14.37
CA THR B 75 -13.33 -4.19 13.49
C THR B 75 -14.01 -4.25 12.14
N LEU B 76 -14.50 -3.11 11.64
CA LEU B 76 -15.11 -3.01 10.33
C LEU B 76 -14.04 -2.69 9.29
N LEU B 77 -13.99 -3.42 8.19
CA LEU B 77 -13.17 -3.14 7.04
C LEU B 77 -13.95 -2.37 5.98
N ILE B 78 -13.45 -1.21 5.57
CA ILE B 78 -13.98 -0.40 4.47
C ILE B 78 -12.98 -0.50 3.31
N GLN B 79 -13.41 -0.99 2.17
CA GLN B 79 -12.59 -1.23 1.02
C GLN B 79 -13.09 -0.28 -0.07
N SER B 80 -12.36 0.78 -0.42
CA SER B 80 -12.80 1.82 -1.34
C SER B 80 -14.26 2.21 -1.15
N GLY B 81 -14.63 2.60 0.07
CA GLY B 81 -15.93 3.12 0.39
C GLY B 81 -16.98 2.07 0.67
N LYS B 82 -16.66 0.77 0.60
CA LYS B 82 -17.63 -0.31 0.84
C LYS B 82 -17.32 -1.08 2.12
N PRO B 83 -18.31 -1.24 2.99
CA PRO B 83 -18.14 -2.03 4.21
C PRO B 83 -18.14 -3.54 3.84
N VAL B 84 -16.98 -4.16 3.66
CA VAL B 84 -16.93 -5.49 3.10
C VAL B 84 -16.96 -6.56 4.17
N ALA B 85 -16.54 -6.31 5.40
CA ALA B 85 -16.45 -7.36 6.40
C ALA B 85 -16.31 -6.86 7.80
N VAL B 86 -16.77 -7.62 8.80
CA VAL B 86 -16.51 -7.41 10.21
C VAL B 86 -15.78 -8.63 10.81
N PHE B 87 -14.68 -8.43 11.52
CA PHE B 87 -13.89 -9.49 12.14
C PHE B 87 -13.75 -9.19 13.62
N ARG B 88 -13.72 -10.22 14.46
CA ARG B 88 -13.48 -10.12 15.90
C ARG B 88 -12.02 -9.73 16.06
N THR B 89 -11.71 -8.66 16.76
CA THR B 89 -10.35 -8.28 17.10
C THR B 89 -10.21 -8.19 18.65
N HIS B 90 -10.04 -7.03 19.23
CA HIS B 90 -9.93 -6.85 20.66
C HIS B 90 -10.22 -5.37 20.95
N PRO B 91 -10.58 -5.04 22.19
CA PRO B 91 -11.00 -3.67 22.53
C PRO B 91 -9.97 -2.59 22.23
N ASP B 92 -8.67 -2.84 22.25
CA ASP B 92 -7.68 -1.82 21.90
C ASP B 92 -7.30 -1.79 20.42
N ALA B 93 -7.93 -2.55 19.54
CA ALA B 93 -7.74 -2.44 18.11
C ALA B 93 -8.57 -1.25 17.57
N PRO B 94 -8.26 -0.76 16.36
CA PRO B 94 -9.14 0.16 15.67
C PRO B 94 -10.54 -0.42 15.53
N ARG B 95 -11.63 0.34 15.62
CA ARG B 95 -12.94 -0.16 15.30
C ARG B 95 -13.10 -0.18 13.78
N VAL B 96 -12.36 0.61 13.00
CA VAL B 96 -12.49 0.66 11.55
C VAL B 96 -11.12 0.74 10.91
N LEU B 97 -10.92 0.02 9.80
CA LEU B 97 -9.72 0.09 8.98
C LEU B 97 -10.15 0.40 7.55
N ILE B 98 -9.60 1.45 6.94
CA ILE B 98 -10.04 1.97 5.64
C ILE B 98 -8.88 1.93 4.63
N ALA B 99 -9.02 1.24 3.53
CA ALA B 99 -8.08 1.29 2.42
C ALA B 99 -8.93 1.66 1.20
N ASN B 100 -8.76 2.87 0.68
CA ASN B 100 -9.45 3.37 -0.49
C ASN B 100 -8.51 3.62 -1.68
N SER B 101 -8.90 3.23 -2.88
CA SER B 101 -8.13 3.43 -4.12
C SER B 101 -8.51 4.65 -4.92
N ASN B 102 -7.78 4.95 -5.99
CA ASN B 102 -8.03 6.14 -6.82
C ASN B 102 -7.31 6.06 -8.17
N ALA B 129 -13.01 10.25 -1.35
CA ALA B 129 -11.98 10.36 -0.32
C ALA B 129 -12.58 10.47 1.09
N GLY B 130 -12.68 9.35 1.83
CA GLY B 130 -13.18 9.32 3.20
C GLY B 130 -12.19 8.73 4.20
N SER B 131 -11.43 9.56 4.90
CA SER B 131 -10.81 9.27 6.21
C SER B 131 -11.64 9.97 7.31
N TRP B 132 -12.67 10.72 6.92
CA TRP B 132 -13.80 11.15 7.75
C TRP B 132 -13.57 12.40 8.57
N ILE B 133 -12.40 13.03 8.58
CA ILE B 133 -12.14 14.18 9.44
C ILE B 133 -11.95 15.47 8.69
N TYR B 134 -12.68 15.70 7.62
CA TYR B 134 -12.71 16.98 6.93
C TYR B 134 -13.49 17.98 7.79
N ILE B 135 -12.98 19.18 8.04
CA ILE B 135 -13.65 20.16 8.89
C ILE B 135 -13.88 21.48 8.15
N GLY B 136 -14.14 21.45 6.86
CA GLY B 136 -14.45 22.64 6.08
C GLY B 136 -13.23 23.46 5.75
N SER B 137 -13.37 24.78 5.60
CA SER B 137 -12.32 25.64 5.10
C SER B 137 -11.26 25.93 6.15
N GLN B 138 -11.49 25.70 7.43
CA GLN B 138 -10.46 25.93 8.46
C GLN B 138 -9.16 25.16 8.20
N GLY B 139 -9.16 23.99 7.57
CA GLY B 139 -7.92 23.30 7.22
C GLY B 139 -7.11 24.10 6.22
N ILE B 140 -7.74 24.71 5.23
CA ILE B 140 -7.08 25.41 4.19
C ILE B 140 -6.56 26.70 4.80
N VAL B 141 -7.35 27.43 5.59
CA VAL B 141 -6.97 28.71 6.10
C VAL B 141 -5.75 28.51 6.98
N GLN B 142 -5.78 27.61 7.95
CA GLN B 142 -4.70 27.45 8.87
C GLN B 142 -3.43 26.88 8.21
N GLY B 143 -3.51 26.05 7.16
CA GLY B 143 -2.33 25.59 6.46
C GLY B 143 -1.66 26.71 5.71
N THR B 144 -2.40 27.68 5.16
CA THR B 144 -1.81 28.82 4.46
C THR B 144 -1.27 29.83 5.49
N TYR B 145 -1.95 30.05 6.61
CA TYR B 145 -1.41 30.76 7.73
C TYR B 145 -0.03 30.23 8.04
N GLU B 146 0.13 28.92 8.30
CA GLU B 146 1.39 28.28 8.65
C GLU B 146 2.49 28.53 7.64
N THR B 147 2.23 28.45 6.34
CA THR B 147 3.25 28.76 5.37
C THR B 147 3.71 30.19 5.60
N PHE B 148 2.82 31.18 5.55
CA PHE B 148 3.23 32.59 5.72
C PHE B 148 3.81 32.85 7.12
N ALA B 149 3.49 32.07 8.15
CA ALA B 149 4.08 32.20 9.48
C ALA B 149 5.56 31.80 9.46
N GLU B 150 5.93 30.73 8.75
CA GLU B 150 7.33 30.32 8.54
C GLU B 150 8.07 31.30 7.65
N VAL B 151 7.48 31.78 6.56
CA VAL B 151 8.04 32.88 5.77
C VAL B 151 8.37 34.10 6.66
N ALA B 152 7.56 34.42 7.67
CA ALA B 152 7.83 35.52 8.61
C ALA B 152 8.99 35.20 9.51
N ARG B 153 9.03 34.02 10.14
CA ARG B 153 10.13 33.63 11.00
C ARG B 153 11.45 33.66 10.23
N GLN B 154 11.52 33.09 9.03
CA GLN B 154 12.77 33.00 8.26
C GLN B 154 13.29 34.34 7.75
N HIS B 155 12.45 35.37 7.55
CA HIS B 155 12.85 36.57 6.84
C HIS B 155 12.48 37.88 7.52
N PHE B 156 11.44 37.98 8.33
CA PHE B 156 10.95 39.30 8.78
C PHE B 156 10.71 39.32 10.28
N GLY B 157 11.49 38.60 11.09
CA GLY B 157 11.40 38.68 12.55
C GLY B 157 10.11 38.12 13.13
N GLY B 158 9.47 37.14 12.49
CA GLY B 158 8.34 36.45 13.08
C GLY B 158 7.00 37.16 12.89
N THR B 159 6.88 38.13 11.98
CA THR B 159 5.59 38.76 11.64
C THR B 159 5.68 39.37 10.23
N LEU B 160 4.58 39.50 9.50
CA LEU B 160 4.57 40.16 8.19
C LEU B 160 4.14 41.60 8.34
N ALA B 161 4.17 42.19 9.55
CA ALA B 161 3.84 43.61 9.74
C ALA B 161 4.80 44.46 8.92
N GLY B 162 4.32 45.43 8.15
CA GLY B 162 5.21 46.26 7.34
C GLY B 162 5.67 45.61 6.04
N THR B 163 5.09 44.47 5.61
CA THR B 163 5.40 43.87 4.31
C THR B 163 4.19 43.86 3.39
N ILE B 164 4.39 43.81 2.08
CA ILE B 164 3.35 43.58 1.10
C ILE B 164 3.58 42.21 0.49
N THR B 165 2.69 41.25 0.70
CA THR B 165 2.67 40.02 -0.09
C THR B 165 1.88 40.28 -1.37
N LEU B 166 2.41 39.93 -2.52
CA LEU B 166 1.76 40.05 -3.81
C LEU B 166 1.55 38.66 -4.34
N THR B 167 0.34 38.27 -4.70
CA THR B 167 0.05 36.94 -5.21
C THR B 167 -1.05 37.02 -6.26
N ALA B 168 -1.56 35.89 -6.76
CA ALA B 168 -2.69 35.91 -7.65
C ALA B 168 -3.58 34.70 -7.45
N GLY B 169 -4.82 34.72 -7.90
CA GLY B 169 -5.74 33.62 -7.74
C GLY B 169 -6.42 33.67 -6.38
N LEU B 170 -7.72 33.93 -6.33
CA LEU B 170 -8.49 33.83 -5.10
C LEU B 170 -9.53 32.74 -5.27
N GLY B 171 -9.19 31.53 -5.67
CA GLY B 171 -10.15 30.47 -5.91
C GLY B 171 -10.41 29.61 -4.70
N GLY B 172 -10.70 28.33 -4.86
CA GLY B 172 -11.02 27.43 -3.75
C GLY B 172 -9.93 27.37 -2.69
N MSE B 173 -8.65 27.27 -3.04
CA MSE B 173 -7.57 27.34 -2.06
C MSE B 173 -6.94 28.73 -2.01
O MSE B 173 -6.57 29.19 -0.93
CB MSE B 173 -6.52 26.29 -2.35
CG MSE B 173 -7.06 24.87 -2.18
SE MSE B 173 -5.74 23.55 -2.73
CE MSE B 173 -4.91 23.23 -0.99
N GLY B 174 -6.79 29.44 -3.12
CA GLY B 174 -6.14 30.74 -3.14
C GLY B 174 -6.84 31.78 -2.30
N GLY B 175 -8.15 31.70 -2.11
CA GLY B 175 -8.91 32.68 -1.36
C GLY B 175 -8.50 32.77 0.09
N ALA B 176 -7.89 31.71 0.66
CA ALA B 176 -7.34 31.75 2.01
C ALA B 176 -6.10 32.63 2.10
N GLN B 177 -5.36 32.89 1.03
CA GLN B 177 -4.13 33.70 1.04
C GLN B 177 -4.23 35.06 1.73
N PRO B 178 -5.18 35.91 1.34
CA PRO B 178 -5.35 37.19 2.03
C PRO B 178 -5.67 37.04 3.51
N LEU B 179 -6.46 36.10 3.99
CA LEU B 179 -6.72 35.99 5.43
C LEU B 179 -5.47 35.49 6.15
N ALA B 180 -4.76 34.49 5.61
CA ALA B 180 -3.50 34.02 6.15
C ALA B 180 -2.46 35.15 6.24
N VAL B 181 -2.32 36.00 5.22
CA VAL B 181 -1.36 37.09 5.22
C VAL B 181 -1.76 38.13 6.27
N THR B 182 -3.03 38.55 6.34
CA THR B 182 -3.47 39.55 7.30
C THR B 182 -3.41 38.98 8.70
N MSE B 183 -3.76 37.73 8.93
CA MSE B 183 -3.64 37.11 10.26
C MSE B 183 -2.17 37.04 10.71
O MSE B 183 -1.89 36.97 11.90
CB MSE B 183 -4.25 35.70 10.25
CG MSE B 183 -5.78 35.68 10.33
SE MSE B 183 -6.57 33.88 10.38
CE MSE B 183 -5.63 33.04 8.90
N ASN B 184 -1.20 37.06 9.80
CA ASN B 184 0.21 37.24 10.14
C ASN B 184 0.59 38.74 10.24
N GLY B 185 -0.36 39.67 10.12
CA GLY B 185 -0.14 41.11 10.28
C GLY B 185 0.22 41.83 8.99
N GLY B 186 0.17 41.17 7.84
CA GLY B 186 0.69 41.72 6.59
C GLY B 186 -0.29 42.43 5.69
N VAL B 187 0.22 43.04 4.62
CA VAL B 187 -0.56 43.66 3.57
C VAL B 187 -0.63 42.67 2.43
N CYS B 188 -1.81 42.28 1.99
CA CYS B 188 -1.93 41.35 0.90
C CYS B 188 -2.51 42.03 -0.33
N LEU B 189 -1.80 42.01 -1.45
CA LEU B 189 -2.35 42.39 -2.73
C LEU B 189 -2.55 41.12 -3.54
N ALA B 190 -3.78 40.79 -3.93
CA ALA B 190 -4.07 39.56 -4.65
C ALA B 190 -4.71 39.89 -5.99
N ILE B 191 -4.04 39.58 -7.11
CA ILE B 191 -4.56 39.77 -8.45
C ILE B 191 -5.53 38.64 -8.78
N GLU B 192 -6.73 38.93 -9.31
CA GLU B 192 -7.71 37.92 -9.64
C GLU B 192 -8.52 38.37 -10.87
N VAL B 193 -8.66 37.55 -11.91
CA VAL B 193 -9.38 37.95 -13.14
C VAL B 193 -10.90 37.90 -13.07
N ASP B 194 -11.50 37.15 -12.16
CA ASP B 194 -12.95 37.01 -12.06
C ASP B 194 -13.42 37.91 -10.90
N PRO B 195 -14.13 38.99 -11.21
CA PRO B 195 -14.77 39.84 -10.19
C PRO B 195 -15.71 39.11 -9.22
N ALA B 196 -16.45 38.09 -9.68
CA ALA B 196 -17.35 37.30 -8.83
C ALA B 196 -16.57 36.48 -7.78
N ARG B 197 -15.31 36.11 -8.02
CA ARG B 197 -14.46 35.45 -7.04
C ARG B 197 -13.96 36.45 -6.03
N ILE B 198 -13.59 37.67 -6.43
CA ILE B 198 -13.26 38.71 -5.49
C ILE B 198 -14.48 39.05 -4.63
N GLN B 199 -15.68 39.08 -5.19
CA GLN B 199 -16.90 39.42 -4.48
C GLN B 199 -17.31 38.35 -3.51
N ARG B 200 -17.10 37.08 -3.83
CA ARG B 200 -17.31 35.96 -2.94
C ARG B 200 -16.37 36.12 -1.74
N ARG B 201 -15.08 36.37 -1.93
CA ARG B 201 -14.15 36.49 -0.81
C ARG B 201 -14.45 37.71 0.06
N ILE B 202 -14.89 38.83 -0.50
CA ILE B 202 -15.28 40.02 0.24
C ILE B 202 -16.55 39.76 1.02
N ASP B 203 -17.61 39.26 0.38
CA ASP B 203 -18.93 39.04 0.99
C ASP B 203 -18.79 38.10 2.16
N THR B 204 -17.83 37.19 2.10
CA THR B 204 -17.67 36.14 3.06
C THR B 204 -16.50 36.46 4.01
N ASN B 205 -16.01 37.70 4.04
CA ASN B 205 -14.97 38.17 4.97
C ASN B 205 -13.58 37.60 4.78
N TYR B 206 -13.25 36.91 3.70
CA TYR B 206 -11.86 36.53 3.41
C TYR B 206 -11.00 37.68 2.83
N LEU B 207 -11.58 38.80 2.41
CA LEU B 207 -10.88 39.90 1.76
C LEU B 207 -11.41 41.25 2.26
N ASP B 208 -10.57 42.23 2.57
CA ASP B 208 -11.01 43.52 3.13
C ASP B 208 -11.63 44.39 2.03
N THR B 209 -10.96 44.58 0.90
CA THR B 209 -11.40 45.51 -0.11
C THR B 209 -10.95 45.06 -1.50
N MSE B 210 -11.24 45.83 -2.54
CA MSE B 210 -10.84 45.54 -3.88
C MSE B 210 -10.70 46.82 -4.69
O MSE B 210 -10.98 47.90 -4.19
CB MSE B 210 -11.83 44.59 -4.55
CG MSE B 210 -13.26 45.09 -4.61
SE MSE B 210 -13.55 46.53 -5.90
CE MSE B 210 -12.91 45.60 -7.51
N THR B 211 -10.23 46.76 -5.93
CA THR B 211 -10.17 47.89 -6.84
C THR B 211 -9.89 47.36 -8.24
N ASP B 212 -10.30 48.06 -9.29
CA ASP B 212 -10.01 47.72 -10.67
C ASP B 212 -8.78 48.52 -11.10
N SER B 213 -8.20 49.37 -10.25
CA SER B 213 -7.12 50.27 -10.62
C SER B 213 -5.83 49.82 -9.97
N LEU B 214 -4.82 49.42 -10.74
CA LEU B 214 -3.56 48.94 -10.22
C LEU B 214 -2.90 49.99 -9.34
N ASP B 215 -2.80 51.24 -9.78
CA ASP B 215 -2.15 52.31 -9.02
C ASP B 215 -3.01 52.73 -7.83
N ALA B 216 -4.32 52.52 -7.86
CA ALA B 216 -5.16 52.60 -6.67
C ALA B 216 -4.82 51.42 -5.75
N ALA B 217 -4.78 50.19 -6.23
CA ALA B 217 -4.37 49.05 -5.40
C ALA B 217 -2.98 49.32 -4.79
N LEU B 218 -2.03 49.81 -5.59
CA LEU B 218 -0.68 50.09 -5.13
C LEU B 218 -0.67 51.17 -4.07
N GLU B 219 -1.35 52.30 -4.27
CA GLU B 219 -1.33 53.40 -3.32
C GLU B 219 -1.95 52.98 -1.98
N MSE B 220 -2.96 52.11 -1.95
CA MSE B 220 -3.52 51.57 -0.70
C MSE B 220 -2.57 50.59 0.01
O MSE B 220 -2.43 50.61 1.23
CB MSE B 220 -4.81 50.83 -1.01
CG MSE B 220 -5.94 51.71 -1.54
SE MSE B 220 -7.64 50.74 -1.55
CE MSE B 220 -7.20 49.40 -2.90
N ALA B 221 -1.91 49.69 -0.72
CA ALA B 221 -0.97 48.70 -0.14
C ALA B 221 0.21 49.39 0.53
N LYS B 222 0.84 50.38 -0.12
CA LYS B 222 1.95 51.16 0.41
C LYS B 222 1.52 51.97 1.63
N GLN B 223 0.30 52.48 1.69
CA GLN B 223 -0.17 53.16 2.88
C GLN B 223 -0.16 52.20 4.04
N ALA B 224 -0.84 51.05 3.92
CA ALA B 224 -0.95 50.04 4.98
C ALA B 224 0.42 49.52 5.39
N LYS B 225 1.35 49.35 4.45
CA LYS B 225 2.70 48.88 4.74
C LYS B 225 3.44 49.90 5.59
N GLU B 226 3.40 51.19 5.24
CA GLU B 226 4.01 52.30 6.00
C GLU B 226 3.39 52.44 7.40
N GLU B 227 2.07 52.36 7.54
CA GLU B 227 1.38 52.30 8.84
C GLU B 227 1.58 50.93 9.50
N LYS B 228 2.22 49.95 8.84
CA LYS B 228 2.30 48.57 9.33
C LYS B 228 0.93 48.08 9.76
N LYS B 229 -0.11 48.33 8.95
CA LYS B 229 -1.47 47.88 9.21
C LYS B 229 -1.70 46.58 8.43
N ALA B 230 -2.52 45.65 8.93
CA ALA B 230 -2.89 44.44 8.20
C ALA B 230 -4.06 44.77 7.27
N LEU B 231 -4.00 44.46 5.99
CA LEU B 231 -5.02 44.85 5.02
C LEU B 231 -4.92 43.99 3.78
N SER B 232 -6.02 43.49 3.23
CA SER B 232 -5.98 42.69 2.00
C SER B 232 -6.77 43.39 0.92
N ILE B 233 -6.23 43.49 -0.29
CA ILE B 233 -6.82 44.20 -1.43
C ILE B 233 -6.89 43.23 -2.59
N GLY B 234 -8.05 43.02 -3.20
CA GLY B 234 -8.19 42.18 -4.37
C GLY B 234 -8.19 43.08 -5.57
N LEU B 235 -7.27 42.91 -6.51
CA LEU B 235 -7.20 43.79 -7.65
C LEU B 235 -7.72 43.01 -8.82
N VAL B 236 -8.80 43.42 -9.47
CA VAL B 236 -9.31 42.66 -10.60
C VAL B 236 -8.46 42.97 -11.80
N GLY B 237 -7.92 41.94 -12.45
CA GLY B 237 -6.83 42.07 -13.39
C GLY B 237 -6.18 40.72 -13.62
N ASN B 238 -5.35 40.60 -14.65
CA ASN B 238 -4.74 39.35 -15.08
C ASN B 238 -3.30 39.37 -14.62
N ALA B 239 -2.86 38.39 -13.84
CA ALA B 239 -1.50 38.30 -13.35
C ALA B 239 -0.45 38.43 -14.46
N ALA B 240 -0.67 37.84 -15.64
CA ALA B 240 0.27 37.92 -16.76
C ALA B 240 0.42 39.36 -17.22
N GLU B 241 -0.62 40.19 -17.13
CA GLU B 241 -0.57 41.60 -17.53
C GLU B 241 -0.11 42.46 -16.36
N VAL B 242 -0.59 42.24 -15.14
CA VAL B 242 -0.33 43.14 -14.01
C VAL B 242 1.09 43.04 -13.49
N LEU B 243 1.63 41.84 -13.32
CA LEU B 243 2.94 41.65 -12.68
C LEU B 243 4.13 42.22 -13.47
N PRO B 244 4.18 42.05 -14.79
CA PRO B 244 5.15 42.78 -15.61
C PRO B 244 4.94 44.30 -15.55
N ARG B 245 3.71 44.81 -15.50
CA ARG B 245 3.46 46.25 -15.31
C ARG B 245 4.01 46.72 -13.96
N LEU B 246 3.97 45.91 -12.90
CA LEU B 246 4.58 46.25 -11.63
C LEU B 246 6.12 46.30 -11.78
N VAL B 247 6.78 45.25 -12.26
CA VAL B 247 8.23 45.28 -12.49
C VAL B 247 8.55 46.54 -13.30
N GLU B 248 7.99 46.71 -14.51
CA GLU B 248 8.11 47.93 -15.31
C GLU B 248 8.10 49.18 -14.45
N THR B 249 7.10 49.38 -13.59
CA THR B 249 6.93 50.62 -12.81
C THR B 249 7.80 50.68 -11.55
N GLY B 250 8.75 49.79 -11.34
CA GLY B 250 9.67 49.87 -10.21
C GLY B 250 9.23 49.05 -9.00
N PHE B 251 7.94 48.77 -8.80
CA PHE B 251 7.46 48.09 -7.59
C PHE B 251 8.06 46.70 -7.38
N VAL B 252 8.43 46.35 -6.15
CA VAL B 252 8.88 45.01 -5.77
C VAL B 252 8.28 44.70 -4.39
N PRO B 253 7.50 43.62 -4.28
CA PRO B 253 6.93 43.25 -3.00
C PRO B 253 7.96 42.60 -2.08
N ASP B 254 7.70 42.53 -0.78
CA ASP B 254 8.53 41.82 0.18
C ASP B 254 8.39 40.31 -0.05
N VAL B 255 7.17 39.78 -0.15
CA VAL B 255 6.86 38.37 -0.36
C VAL B 255 6.13 38.23 -1.70
N LEU B 256 6.28 37.13 -2.44
CA LEU B 256 5.60 36.94 -3.73
C LEU B 256 5.33 35.47 -4.07
N THR B 257 4.08 35.01 -4.12
CA THR B 257 3.74 33.65 -4.62
C THR B 257 2.79 33.73 -5.80
N ASP B 258 2.15 32.64 -6.17
CA ASP B 258 0.99 32.68 -7.03
C ASP B 258 0.09 31.48 -6.73
N GLN B 259 -1.24 31.60 -6.81
CA GLN B 259 -2.11 30.42 -6.75
C GLN B 259 -3.16 30.45 -7.84
N THR B 260 -2.83 30.94 -9.04
CA THR B 260 -3.66 30.78 -10.22
C THR B 260 -3.75 29.32 -10.60
N SER B 261 -4.67 28.92 -11.46
CA SER B 261 -4.79 27.54 -11.93
C SER B 261 -3.81 27.32 -13.09
N ALA B 262 -2.50 27.49 -12.88
CA ALA B 262 -1.47 27.30 -13.91
C ALA B 262 -1.25 25.81 -14.18
N HIS B 263 -1.62 24.92 -13.27
CA HIS B 263 -1.59 23.47 -13.50
C HIS B 263 -2.62 23.02 -14.54
N ASP B 264 -3.54 23.88 -14.98
CA ASP B 264 -4.55 23.53 -15.97
C ASP B 264 -4.67 24.69 -16.95
N PRO B 265 -3.82 24.67 -17.98
CA PRO B 265 -3.68 25.79 -18.91
C PRO B 265 -4.80 25.82 -19.97
N LEU B 266 -5.86 25.03 -19.85
CA LEU B 266 -6.99 25.03 -20.77
C LEU B 266 -8.24 25.46 -20.02
N ASN B 267 -8.65 24.79 -18.94
CA ASN B 267 -9.85 25.16 -18.18
C ASN B 267 -9.59 26.08 -16.98
N GLY B 268 -8.34 26.35 -16.63
CA GLY B 268 -8.01 27.15 -15.45
C GLY B 268 -7.41 28.49 -15.81
N TYR B 269 -6.17 28.55 -16.28
CA TYR B 269 -5.47 29.81 -16.45
C TYR B 269 -6.04 30.66 -17.59
N ILE B 270 -6.51 31.88 -17.31
CA ILE B 270 -6.94 32.83 -18.33
C ILE B 270 -5.71 33.47 -18.95
N PRO B 271 -5.56 33.39 -20.28
CA PRO B 271 -4.41 34.01 -20.93
C PRO B 271 -4.47 35.54 -20.94
N ALA B 272 -3.33 36.23 -21.01
CA ALA B 272 -3.27 37.68 -21.09
C ALA B 272 -4.04 38.21 -22.31
N GLY B 273 -4.64 39.39 -22.24
CA GLY B 273 -5.33 40.01 -23.37
C GLY B 273 -6.73 39.44 -23.61
N LEU B 274 -7.26 38.58 -22.75
CA LEU B 274 -8.56 37.96 -22.94
C LEU B 274 -9.53 38.25 -21.79
N THR B 275 -10.75 38.70 -22.07
CA THR B 275 -11.81 38.80 -21.07
C THR B 275 -12.32 37.40 -20.72
N LEU B 276 -13.23 37.23 -19.76
CA LEU B 276 -13.78 35.92 -19.44
C LEU B 276 -14.62 35.38 -20.60
N ASP B 277 -15.45 36.17 -21.25
CA ASP B 277 -16.30 35.69 -22.34
C ASP B 277 -15.49 35.46 -23.59
N GLU B 278 -14.50 36.31 -23.91
CA GLU B 278 -13.60 36.08 -25.02
C GLU B 278 -12.84 34.79 -24.80
N ALA B 279 -12.23 34.59 -23.63
CA ALA B 279 -11.46 33.37 -23.33
C ALA B 279 -12.31 32.12 -23.49
N ALA B 280 -13.52 32.06 -22.94
CA ALA B 280 -14.39 30.89 -23.00
C ALA B 280 -14.81 30.55 -24.43
N GLU B 281 -15.04 31.55 -25.29
CA GLU B 281 -15.39 31.34 -26.69
C GLU B 281 -14.20 30.76 -27.47
N LEU B 282 -12.96 31.07 -27.10
CA LEU B 282 -11.76 30.49 -27.69
C LEU B 282 -11.54 29.09 -27.10
N ARG B 283 -11.93 28.83 -25.86
CA ARG B 283 -11.72 27.54 -25.19
C ARG B 283 -12.63 26.43 -25.75
N ALA B 284 -13.89 26.72 -26.07
CA ALA B 284 -14.79 25.76 -26.73
C ALA B 284 -14.33 25.56 -28.16
N ARG B 285 -13.90 26.60 -28.85
CA ARG B 285 -13.56 26.55 -30.27
C ARG B 285 -12.12 26.04 -30.49
N ASP B 286 -11.10 26.75 -30.02
CA ASP B 286 -9.71 26.55 -30.44
C ASP B 286 -8.78 26.35 -29.24
N PRO B 287 -8.92 25.22 -28.54
CA PRO B 287 -8.04 24.92 -27.41
C PRO B 287 -6.54 24.80 -27.78
N LYS B 288 -6.16 24.48 -29.01
CA LYS B 288 -4.75 24.45 -29.39
C LYS B 288 -4.17 25.83 -29.12
N GLN B 289 -4.71 26.88 -29.73
CA GLN B 289 -4.21 28.25 -29.60
C GLN B 289 -4.68 28.86 -28.26
N TYR B 290 -5.52 28.21 -27.47
CA TYR B 290 -5.79 28.68 -26.11
C TYR B 290 -4.61 28.29 -25.24
N ILE B 291 -4.32 26.99 -25.10
CA ILE B 291 -3.22 26.48 -24.26
C ILE B 291 -1.92 27.20 -24.63
N ALA B 292 -1.67 27.43 -25.92
CA ALA B 292 -0.48 28.14 -26.38
C ALA B 292 -0.45 29.54 -25.78
N ARG B 293 -1.47 30.36 -25.96
CA ARG B 293 -1.58 31.66 -25.29
C ARG B 293 -1.52 31.51 -23.78
N ALA B 294 -2.23 30.56 -23.18
CA ALA B 294 -2.16 30.30 -21.75
C ALA B 294 -0.74 30.01 -21.29
N LYS B 295 0.02 29.14 -21.96
CA LYS B 295 1.43 28.86 -21.64
C LYS B 295 2.31 30.07 -21.94
N GLN B 296 2.00 30.83 -22.99
CA GLN B 296 2.73 32.05 -23.32
C GLN B 296 2.53 33.07 -22.20
N SER B 297 1.33 33.23 -21.66
CA SER B 297 1.05 34.16 -20.57
C SER B 297 1.71 33.70 -19.27
N ILE B 298 1.69 32.42 -18.94
CA ILE B 298 2.41 31.91 -17.76
C ILE B 298 3.90 32.27 -17.81
N ALA B 299 4.54 32.32 -18.98
CA ALA B 299 5.96 32.68 -19.12
C ALA B 299 6.28 34.11 -18.68
N ALA B 300 5.55 35.12 -19.16
CA ALA B 300 5.79 36.51 -18.76
C ALA B 300 5.50 36.69 -17.28
N HIS B 301 4.47 36.02 -16.75
CA HIS B 301 4.15 35.96 -15.34
C HIS B 301 5.38 35.53 -14.53
N VAL B 302 5.95 34.36 -14.80
CA VAL B 302 7.14 33.87 -14.11
C VAL B 302 8.37 34.75 -14.36
N ARG B 303 8.61 35.27 -15.56
CA ARG B 303 9.74 36.17 -15.82
C ARG B 303 9.63 37.42 -14.94
N ALA B 304 8.42 37.96 -14.72
CA ALA B 304 8.18 39.04 -13.76
C ALA B 304 8.45 38.58 -12.33
N MSE B 305 8.05 37.36 -11.96
CA MSE B 305 8.36 36.79 -10.64
C MSE B 305 9.87 36.66 -10.49
O MSE B 305 10.43 37.05 -9.45
CB MSE B 305 7.67 35.43 -10.46
CG MSE B 305 6.15 35.53 -10.35
SE MSE B 305 5.20 33.83 -10.23
CE MSE B 305 5.65 33.33 -8.38
N LEU B 306 10.58 36.12 -11.48
CA LEU B 306 12.04 36.05 -11.48
C LEU B 306 12.67 37.44 -11.38
N ALA B 307 12.23 38.42 -12.14
CA ALA B 307 12.73 39.79 -12.04
C ALA B 307 12.48 40.39 -10.65
N MSE B 308 11.30 40.19 -10.06
CA MSE B 308 11.01 40.67 -8.69
C MSE B 308 11.88 39.91 -7.68
O MSE B 308 12.22 40.46 -6.62
CB MSE B 308 9.51 40.50 -8.36
CG MSE B 308 8.58 41.51 -9.08
SE MSE B 308 6.65 41.30 -8.79
CE MSE B 308 6.31 39.83 -10.05
N GLN B 309 12.27 38.66 -7.93
CA GLN B 309 13.18 37.90 -7.07
C GLN B 309 14.57 38.54 -7.01
N LYS B 310 15.10 39.07 -8.12
CA LYS B 310 16.44 39.70 -8.14
C LYS B 310 16.42 41.08 -7.48
N GLN B 311 15.29 41.77 -7.42
CA GLN B 311 15.19 43.02 -6.68
C GLN B 311 15.04 42.75 -5.17
N GLY B 312 15.05 41.49 -4.72
CA GLY B 312 15.12 41.14 -3.29
C GLY B 312 13.85 40.54 -2.70
N ALA B 313 12.80 40.28 -3.48
CA ALA B 313 11.58 39.69 -2.95
C ALA B 313 11.80 38.25 -2.48
N VAL B 314 11.27 37.83 -1.34
CA VAL B 314 11.20 36.43 -0.96
C VAL B 314 10.10 35.87 -1.84
N THR B 315 10.38 34.94 -2.74
CA THR B 315 9.38 34.47 -3.71
C THR B 315 9.38 32.95 -3.87
N PHE B 316 8.22 32.30 -3.79
CA PHE B 316 8.13 30.85 -3.83
C PHE B 316 6.98 30.34 -4.69
N ASP B 317 7.03 29.08 -5.09
CA ASP B 317 5.98 28.41 -5.84
C ASP B 317 4.98 27.88 -4.82
N TYR B 318 3.67 27.88 -5.08
CA TYR B 318 2.67 27.33 -4.16
C TYR B 318 1.95 26.13 -4.78
N GLY B 319 2.65 25.22 -5.43
CA GLY B 319 2.09 23.93 -5.82
C GLY B 319 1.19 24.00 -7.01
N ASN B 320 1.15 25.10 -7.75
CA ASN B 320 0.29 25.21 -8.93
C ASN B 320 1.10 24.91 -10.20
N ASN B 321 2.24 24.21 -10.10
CA ASN B 321 3.00 23.70 -11.22
C ASN B 321 3.44 24.77 -12.20
N ILE B 322 3.68 26.00 -11.76
CA ILE B 322 3.90 27.11 -12.67
C ILE B 322 5.35 27.20 -13.19
N ARG B 323 6.36 26.68 -12.49
CA ARG B 323 7.73 26.64 -13.05
C ARG B 323 7.81 25.65 -14.22
N GLN B 324 7.20 24.47 -14.09
CA GLN B 324 7.26 23.43 -15.11
C GLN B 324 6.70 23.94 -16.42
N VAL B 325 5.52 24.58 -16.40
CA VAL B 325 4.88 25.16 -17.58
C VAL B 325 5.73 26.29 -18.17
N ALA B 326 6.44 27.09 -17.37
CA ALA B 326 7.31 28.16 -17.87
C ALA B 326 8.62 27.61 -18.45
N LYS B 327 9.26 26.64 -17.81
CA LYS B 327 10.43 25.98 -18.37
C LYS B 327 10.00 25.30 -19.68
N ASP B 328 8.96 24.48 -19.68
CA ASP B 328 8.43 23.84 -20.88
C ASP B 328 8.06 24.87 -21.97
N GLU B 329 7.73 26.12 -21.64
CA GLU B 329 7.52 27.18 -22.64
C GLU B 329 8.85 27.84 -23.06
N GLY B 330 9.95 27.68 -22.32
CA GLY B 330 11.28 28.18 -22.71
C GLY B 330 11.92 29.21 -21.78
N VAL B 331 11.91 29.01 -20.47
CA VAL B 331 12.75 29.79 -19.55
C VAL B 331 13.39 28.81 -18.55
N ASP B 332 14.65 28.42 -18.78
CA ASP B 332 15.37 27.47 -17.92
C ASP B 332 15.56 27.98 -16.48
N ASP B 333 15.68 29.29 -16.26
CA ASP B 333 15.77 29.88 -14.92
C ASP B 333 14.49 29.67 -14.07
N ALA B 334 13.35 29.31 -14.65
CA ALA B 334 12.09 29.10 -13.90
C ALA B 334 12.29 28.60 -12.47
N PHE B 335 13.13 27.59 -12.20
CA PHE B 335 13.28 27.04 -10.85
C PHE B 335 14.31 27.81 -9.99
N SER B 336 14.69 29.04 -10.34
CA SER B 336 15.46 29.95 -9.48
C SER B 336 14.78 30.17 -8.13
N PHE B 337 13.45 30.12 -8.02
CA PHE B 337 12.79 30.18 -6.73
C PHE B 337 12.19 28.81 -6.38
N PRO B 338 12.15 28.49 -5.09
CA PRO B 338 11.80 27.17 -4.64
C PRO B 338 10.31 27.00 -4.36
N GLY B 339 9.83 25.78 -4.17
CA GLY B 339 8.47 25.53 -3.72
C GLY B 339 8.31 25.81 -2.24
N PHE B 340 7.10 26.15 -1.76
CA PHE B 340 6.86 26.42 -0.35
C PHE B 340 7.17 25.22 0.56
N VAL B 341 7.03 23.98 0.10
CA VAL B 341 7.21 22.81 0.99
C VAL B 341 8.71 22.59 1.34
N PRO B 342 9.57 22.33 0.36
CA PRO B 342 11.01 22.30 0.63
C PRO B 342 11.49 23.59 1.29
N ALA B 343 11.03 24.77 0.87
CA ALA B 343 11.40 26.02 1.52
C ALA B 343 10.86 26.15 2.95
N TYR B 344 9.57 25.98 3.21
CA TYR B 344 8.97 26.39 4.51
C TYR B 344 8.32 25.27 5.32
N ILE B 345 7.65 24.28 4.72
CA ILE B 345 6.96 23.22 5.48
C ILE B 345 7.91 22.12 5.94
N ARG B 346 8.77 21.59 5.07
CA ARG B 346 9.70 20.52 5.40
C ARG B 346 10.47 20.68 6.72
N PRO B 347 11.00 21.86 7.02
CA PRO B 347 11.67 22.09 8.30
C PRO B 347 10.75 21.97 9.50
N LEU B 348 9.47 22.27 9.39
CA LEU B 348 8.49 21.97 10.45
C LEU B 348 8.28 20.47 10.59
N PHE B 349 8.21 19.71 9.50
CA PHE B 349 8.12 18.25 9.55
C PHE B 349 9.36 17.65 10.19
N CYS B 350 10.55 18.20 9.96
CA CYS B 350 11.79 17.74 10.61
C CYS B 350 11.73 17.75 12.12
N GLU B 351 11.05 18.70 12.78
CA GLU B 351 10.82 18.64 14.23
C GLU B 351 9.52 17.87 14.52
N GLY B 352 8.92 17.17 13.54
CA GLY B 352 7.70 16.40 13.74
C GLY B 352 6.42 17.23 13.65
N LYS B 353 6.49 18.57 13.56
CA LYS B 353 5.31 19.42 13.63
C LYS B 353 4.39 18.98 12.53
N GLY B 354 3.08 18.99 12.73
CA GLY B 354 2.15 18.62 11.68
C GLY B 354 0.75 19.06 12.07
N PRO B 355 -0.15 19.07 11.10
CA PRO B 355 -1.52 19.45 11.32
C PRO B 355 -2.19 18.48 12.29
N PHE B 356 -2.58 18.94 13.45
CA PHE B 356 -3.25 18.19 14.47
C PHE B 356 -4.68 18.77 14.53
N ARG B 357 -5.75 18.00 14.39
CA ARG B 357 -7.13 18.51 14.44
C ARG B 357 -7.88 17.85 15.53
N TRP B 358 -8.89 18.52 16.10
CA TRP B 358 -9.77 17.90 17.04
C TRP B 358 -11.18 18.40 16.88
N VAL B 359 -12.17 17.56 17.12
CA VAL B 359 -13.56 17.86 16.85
C VAL B 359 -14.36 17.64 18.13
N ALA B 360 -15.28 18.54 18.47
CA ALA B 360 -16.13 18.44 19.64
C ALA B 360 -17.38 17.68 19.27
N LEU B 361 -17.49 16.39 19.56
CA LEU B 361 -18.66 15.57 19.25
C LEU B 361 -19.93 16.04 19.96
N SER B 362 -19.86 16.83 21.02
CA SER B 362 -21.05 17.37 21.67
C SER B 362 -21.84 18.31 20.75
N GLY B 363 -21.21 18.91 19.74
CA GLY B 363 -21.79 19.98 18.94
C GLY B 363 -21.83 21.27 19.74
N ASP B 364 -20.96 21.45 20.72
CA ASP B 364 -20.94 22.61 21.61
C ASP B 364 -19.67 23.39 21.31
N PRO B 365 -19.79 24.63 20.82
CA PRO B 365 -18.59 25.44 20.53
C PRO B 365 -17.74 25.73 21.76
N GLU B 366 -18.29 25.75 22.98
CA GLU B 366 -17.51 25.99 24.20
C GLU B 366 -16.53 24.88 24.51
N ASP B 367 -16.79 23.64 24.07
CA ASP B 367 -15.80 22.56 24.13
C ASP B 367 -14.52 22.99 23.42
N ILE B 368 -14.60 23.54 22.21
CA ILE B 368 -13.42 24.02 21.49
C ILE B 368 -12.80 25.24 22.18
N TYR B 369 -13.58 26.17 22.73
CA TYR B 369 -13.02 27.36 23.40
C TYR B 369 -12.24 26.95 24.64
N LYS B 370 -12.72 26.01 25.45
CA LYS B 370 -11.94 25.44 26.57
C LYS B 370 -10.60 24.83 26.14
N THR B 371 -10.56 24.03 25.07
CA THR B 371 -9.32 23.42 24.61
C THR B 371 -8.45 24.45 23.90
N ASP B 372 -9.02 25.54 23.37
CA ASP B 372 -8.28 26.73 22.89
C ASP B 372 -7.40 27.35 23.99
N GLU B 373 -7.89 27.49 25.22
CA GLU B 373 -7.08 28.06 26.28
C GLU B 373 -5.91 27.14 26.61
N VAL B 374 -6.09 25.82 26.70
CA VAL B 374 -4.99 24.99 27.13
C VAL B 374 -3.83 25.12 26.14
N ILE B 375 -4.05 25.24 24.83
CA ILE B 375 -2.95 25.59 23.91
C ILE B 375 -2.27 26.91 24.31
N LEU B 376 -3.00 27.92 24.78
CA LEU B 376 -2.41 29.21 25.17
C LEU B 376 -1.56 29.01 26.43
N ARG B 377 -2.03 28.28 27.44
CA ARG B 377 -1.28 28.07 28.68
C ARG B 377 0.06 27.38 28.42
N GLU B 378 0.13 26.41 27.53
CA GLU B 378 1.29 25.53 27.49
C GLU B 378 2.08 25.50 26.18
N PHE B 379 1.77 26.30 25.16
CA PHE B 379 2.66 26.46 23.99
C PHE B 379 2.88 27.94 23.67
N SER B 380 2.86 28.82 24.68
CA SER B 380 3.14 30.26 24.55
C SER B 380 4.58 30.60 24.15
N ASP B 381 5.56 29.73 24.33
CA ASP B 381 6.87 29.86 23.66
C ASP B 381 6.73 29.82 22.12
N ASN B 382 5.71 29.16 21.55
CA ASN B 382 5.38 29.23 20.11
C ASN B 382 4.32 30.31 19.82
N GLU B 383 4.67 31.58 19.60
CA GLU B 383 3.68 32.67 19.52
C GLU B 383 2.86 32.69 18.23
N ARG B 384 3.38 32.21 17.09
CA ARG B 384 2.60 32.04 15.88
C ARG B 384 1.45 31.08 16.11
N LEU B 385 1.63 30.02 16.89
CA LEU B 385 0.58 29.12 17.31
C LEU B 385 -0.45 29.81 18.21
N CYS B 386 -0.05 30.61 19.19
CA CYS B 386 -0.98 31.31 20.09
C CYS B 386 -1.66 32.45 19.36
N HIS B 387 -0.95 33.17 18.49
CA HIS B 387 -1.53 34.18 17.63
C HIS B 387 -2.62 33.53 16.79
N TRP B 388 -2.39 32.31 16.27
CA TRP B 388 -3.35 31.56 15.45
C TRP B 388 -4.64 31.29 16.21
N ILE B 389 -4.58 30.73 17.41
CA ILE B 389 -5.76 30.41 18.21
C ILE B 389 -6.62 31.64 18.41
N ARG B 390 -6.04 32.81 18.73
CA ARG B 390 -6.79 34.05 19.01
C ARG B 390 -7.40 34.64 17.74
N MSE B 391 -6.67 34.68 16.63
CA MSE B 391 -7.20 35.12 15.36
C MSE B 391 -8.26 34.13 14.88
O MSE B 391 -9.27 34.55 14.32
CB MSE B 391 -6.09 35.26 14.31
CG MSE B 391 -5.05 36.31 14.59
SE MSE B 391 -5.78 38.12 14.80
CE MSE B 391 -6.73 38.32 13.09
N ALA B 392 -8.10 32.81 15.06
CA ALA B 392 -9.13 31.82 14.68
C ALA B 392 -10.39 32.01 15.49
N GLN B 393 -10.31 32.23 16.79
CA GLN B 393 -11.47 32.48 17.62
C GLN B 393 -12.29 33.63 17.05
N LYS B 394 -11.68 34.67 16.46
CA LYS B 394 -12.40 35.83 15.93
C LYS B 394 -12.68 35.79 14.43
N ARG B 395 -11.87 35.13 13.59
CA ARG B 395 -12.10 35.14 12.15
C ARG B 395 -12.76 33.85 11.63
N ILE B 396 -12.38 32.67 12.11
CA ILE B 396 -12.94 31.39 11.63
C ILE B 396 -14.32 31.14 12.25
N LYS B 397 -15.38 30.95 11.47
CA LYS B 397 -16.66 30.45 11.97
C LYS B 397 -16.65 28.91 11.92
N PHE B 398 -17.38 28.22 12.79
CA PHE B 398 -17.52 26.77 12.74
C PHE B 398 -18.45 26.31 11.61
N GLN B 399 -18.17 25.15 11.02
CA GLN B 399 -18.96 24.52 9.98
C GLN B 399 -19.24 23.09 10.43
N GLY B 400 -20.48 22.67 10.62
CA GLY B 400 -20.78 21.35 11.17
C GLY B 400 -20.24 21.30 12.58
N LEU B 401 -19.76 20.17 13.06
CA LEU B 401 -19.23 20.05 14.41
C LEU B 401 -18.12 21.11 14.63
N PRO B 402 -18.16 21.78 15.79
CA PRO B 402 -17.05 22.66 16.16
C PRO B 402 -15.73 21.88 16.15
N ALA B 403 -14.67 22.46 15.58
CA ALA B 403 -13.38 21.85 15.39
C ALA B 403 -12.27 22.89 15.40
N ARG B 404 -11.06 22.55 15.82
CA ARG B 404 -9.90 23.41 15.68
C ARG B 404 -8.80 22.61 14.99
N ILE B 405 -7.86 23.27 14.33
CA ILE B 405 -6.65 22.66 13.83
C ILE B 405 -5.47 23.58 14.15
N CYS B 406 -4.30 23.05 14.46
CA CYS B 406 -3.07 23.83 14.48
C CYS B 406 -1.87 22.89 14.35
N TRP B 407 -0.65 23.37 14.36
CA TRP B 407 0.50 22.51 14.16
C TRP B 407 1.19 22.26 15.48
N LEU B 408 1.45 21.00 15.83
CA LEU B 408 2.11 20.61 17.08
C LEU B 408 3.17 19.59 16.75
N GLY B 409 4.32 19.59 17.43
CA GLY B 409 5.47 18.74 17.10
C GLY B 409 5.54 17.45 17.89
N TYR B 410 6.70 16.80 17.93
CA TYR B 410 6.93 15.61 18.75
C TYR B 410 6.99 15.97 20.23
N GLY B 411 6.35 15.21 21.12
CA GLY B 411 6.18 15.59 22.52
C GLY B 411 4.91 16.41 22.72
N GLU B 412 4.67 17.47 21.94
CA GLU B 412 3.53 18.39 22.13
C GLU B 412 2.17 17.67 21.99
N ARG B 413 2.01 16.82 20.98
CA ARG B 413 0.75 16.15 20.66
C ARG B 413 0.24 15.28 21.79
N ALA B 414 1.11 14.44 22.39
CA ALA B 414 0.74 13.50 23.44
C ALA B 414 0.41 14.27 24.69
N LYS B 415 1.14 15.33 24.97
CA LYS B 415 0.85 16.24 26.06
C LYS B 415 -0.59 16.70 25.96
N PHE B 416 -0.97 17.28 24.83
CA PHE B 416 -2.30 17.84 24.62
C PHE B 416 -3.40 16.78 24.60
N GLY B 417 -3.17 15.60 24.00
CA GLY B 417 -4.14 14.51 24.05
C GLY B 417 -4.38 14.05 25.47
N LYS B 418 -3.35 13.95 26.31
CA LYS B 418 -3.49 13.60 27.74
C LYS B 418 -4.35 14.62 28.49
N ILE B 419 -4.10 15.92 28.36
CA ILE B 419 -4.94 16.97 28.98
C ILE B 419 -6.38 16.90 28.46
N ILE B 420 -6.60 16.82 27.15
CA ILE B 420 -7.95 16.69 26.61
C ILE B 420 -8.67 15.49 27.20
N ASN B 421 -8.06 14.31 27.27
CA ASN B 421 -8.72 13.11 27.78
C ASN B 421 -9.09 13.27 29.25
N ASP B 422 -8.25 13.86 30.10
CA ASP B 422 -8.60 14.15 31.49
C ASP B 422 -9.83 15.04 31.60
N MSE B 423 -9.98 16.09 30.79
CA MSE B 423 -11.12 17.01 30.86
C MSE B 423 -12.42 16.39 30.40
O MSE B 423 -13.49 16.83 30.79
CB MSE B 423 -10.86 18.22 29.96
CG MSE B 423 -9.65 19.03 30.30
SE MSE B 423 -9.45 20.45 28.97
CE MSE B 423 -10.87 21.65 29.59
N VAL B 424 -12.39 15.39 29.52
CA VAL B 424 -13.57 14.61 29.13
C VAL B 424 -14.00 13.77 30.33
N ALA B 425 -13.07 13.08 31.00
CA ALA B 425 -13.31 12.29 32.21
C ALA B 425 -13.91 13.13 33.33
N LYS B 426 -13.37 14.31 33.65
CA LYS B 426 -13.91 15.20 34.69
C LYS B 426 -15.25 15.82 34.27
N GLY B 427 -15.61 15.84 32.99
CA GLY B 427 -16.81 16.54 32.56
C GLY B 427 -16.50 18.00 32.27
N GLU B 428 -15.26 18.48 32.32
CA GLU B 428 -14.88 19.80 31.81
C GLU B 428 -15.25 19.94 30.33
N LEU B 429 -15.26 18.85 29.55
CA LEU B 429 -15.81 18.84 28.20
C LEU B 429 -17.06 17.98 28.20
N LYS B 430 -18.08 18.34 27.44
CA LYS B 430 -19.41 17.72 27.50
C LYS B 430 -19.47 16.32 26.91
N ALA B 431 -18.61 15.97 25.96
CA ALA B 431 -18.60 14.65 25.32
C ALA B 431 -17.19 14.42 24.78
N PRO B 432 -16.91 13.20 24.30
CA PRO B 432 -15.60 12.87 23.74
C PRO B 432 -15.08 13.75 22.60
N ILE B 433 -13.77 13.80 22.42
CA ILE B 433 -13.12 14.58 21.40
C ILE B 433 -12.50 13.64 20.35
N VAL B 434 -12.81 13.85 19.08
CA VAL B 434 -12.12 13.17 18.02
C VAL B 434 -10.83 13.90 17.76
N ILE B 435 -9.67 13.24 17.90
CA ILE B 435 -8.36 13.80 17.54
C ILE B 435 -7.87 13.11 16.30
N GLY B 436 -7.32 13.83 15.33
CA GLY B 436 -6.99 13.22 14.08
C GLY B 436 -5.93 13.90 13.28
N ARG B 437 -5.41 13.23 12.27
CA ARG B 437 -4.45 13.79 11.33
C ARG B 437 -4.63 13.15 9.97
N ASP B 438 -5.07 13.92 8.97
CA ASP B 438 -5.33 13.40 7.64
C ASP B 438 -4.11 13.51 6.76
N GLU B 453 7.78 16.33 -4.06
CA GLU B 453 8.54 16.32 -2.81
C GLU B 453 10.02 16.10 -3.08
N GLY B 454 10.83 17.16 -3.21
CA GLY B 454 12.25 17.05 -3.57
C GLY B 454 13.12 16.61 -2.40
N MSE B 455 13.15 15.33 -2.06
CA MSE B 455 13.83 14.85 -0.86
C MSE B 455 15.36 14.90 -1.02
O MSE B 455 15.89 14.45 -2.03
CB MSE B 455 13.37 13.42 -0.57
CG MSE B 455 13.16 13.11 0.90
SE MSE B 455 11.74 14.19 1.69
CE MSE B 455 12.01 13.66 3.55
N LYS B 456 16.13 15.44 -0.06
CA LYS B 456 17.60 15.39 -0.05
C LYS B 456 18.18 14.15 -0.73
N ASP B 457 17.76 12.94 -0.35
CA ASP B 457 18.40 11.70 -0.80
C ASP B 457 17.75 11.10 -2.06
N GLY B 458 16.90 11.81 -2.80
CA GLY B 458 16.18 11.25 -3.95
C GLY B 458 15.07 10.27 -3.55
N SER B 459 14.60 10.32 -2.30
CA SER B 459 13.68 9.34 -1.74
C SER B 459 12.22 9.70 -1.99
N ASP B 460 11.90 10.68 -2.82
CA ASP B 460 10.53 11.14 -3.07
C ASP B 460 9.54 9.98 -3.23
N ALA B 461 9.83 8.95 -4.04
CA ALA B 461 8.86 7.92 -4.42
C ALA B 461 8.59 6.78 -3.37
N ILE B 462 9.16 6.80 -2.17
CA ILE B 462 9.12 5.63 -1.26
C ILE B 462 7.77 5.47 -0.54
N ALA B 463 6.99 4.45 -0.88
CA ALA B 463 5.70 4.16 -0.27
C ALA B 463 5.83 3.44 1.07
N ASP B 464 7.03 3.09 1.53
CA ASP B 464 7.23 2.34 2.75
C ASP B 464 6.75 3.14 3.95
N TRP B 465 7.04 4.43 4.01
CA TRP B 465 6.75 5.24 5.17
C TRP B 465 5.27 5.36 5.59
N PRO B 466 4.37 5.75 4.68
CA PRO B 466 2.95 5.81 5.04
C PRO B 466 2.39 4.44 5.40
N ILE B 467 2.84 3.35 4.79
CA ILE B 467 2.46 2.00 5.23
C ILE B 467 2.93 1.66 6.65
N LEU B 468 4.17 1.94 7.03
CA LEU B 468 4.63 1.75 8.41
C LEU B 468 3.84 2.64 9.36
N ASN B 469 3.54 3.87 8.97
CA ASN B 469 2.73 4.79 9.74
C ASN B 469 1.34 4.22 10.03
N ALA B 470 0.66 3.69 9.03
CA ALA B 470 -0.64 3.09 9.18
C ALA B 470 -0.54 1.87 10.09
N LEU B 471 0.40 0.96 9.83
CA LEU B 471 0.62 -0.22 10.62
C LEU B 471 0.93 0.11 12.04
N LEU B 472 1.82 1.05 12.30
CA LEU B 472 2.21 1.44 13.66
C LEU B 472 1.10 2.14 14.40
N ASN B 473 0.30 3.02 13.78
CA ASN B 473 -0.84 3.63 14.47
C ASN B 473 -1.94 2.62 14.74
N ALA B 474 -2.25 1.72 13.82
CA ALA B 474 -3.20 0.66 14.08
C ALA B 474 -2.78 -0.22 15.26
N VAL B 475 -1.53 -0.66 15.34
CA VAL B 475 -1.00 -1.45 16.46
C VAL B 475 -0.97 -0.64 17.78
N GLY B 476 -0.82 0.67 17.74
CA GLY B 476 -0.95 1.52 18.93
C GLY B 476 -2.36 1.73 19.44
N GLY B 477 -3.42 1.41 18.68
CA GLY B 477 -4.79 1.59 19.15
C GLY B 477 -5.40 2.90 18.71
N ALA B 478 -5.06 3.43 17.53
CA ALA B 478 -5.83 4.51 16.90
C ALA B 478 -7.26 4.01 16.77
N SER B 479 -8.25 4.87 16.83
CA SER B 479 -9.64 4.46 16.79
C SER B 479 -10.04 3.99 15.36
N TRP B 480 -9.56 4.67 14.32
CA TRP B 480 -9.59 4.17 12.96
C TRP B 480 -8.39 4.66 12.21
N VAL B 481 -8.00 3.95 11.16
CA VAL B 481 -6.78 4.22 10.39
C VAL B 481 -7.16 4.17 8.94
N SER B 482 -6.68 5.08 8.11
CA SER B 482 -6.97 5.05 6.70
C SER B 482 -5.74 4.99 5.82
N VAL B 483 -5.78 4.32 4.69
CA VAL B 483 -4.73 4.34 3.69
C VAL B 483 -5.40 4.66 2.35
N HIS B 484 -5.01 5.73 1.68
CA HIS B 484 -5.43 6.06 0.36
C HIS B 484 -4.31 5.85 -0.61
N HIS B 485 -4.52 5.13 -1.69
CA HIS B 485 -3.46 4.81 -2.60
C HIS B 485 -3.92 4.99 -4.03
N GLY B 486 -3.04 5.33 -4.95
CA GLY B 486 -3.47 5.49 -6.33
C GLY B 486 -2.35 5.81 -7.28
N GLY B 487 -2.55 5.57 -8.57
CA GLY B 487 -1.55 5.79 -9.59
C GLY B 487 -1.41 4.55 -10.45
N GLY B 488 -0.60 4.59 -11.50
CA GLY B 488 -0.39 3.45 -12.39
C GLY B 488 0.64 3.84 -13.42
N VAL B 489 0.61 3.22 -14.61
CA VAL B 489 1.54 3.54 -15.70
C VAL B 489 1.48 5.04 -16.10
N GLY B 490 2.61 5.68 -16.40
CA GLY B 490 2.64 7.07 -16.86
C GLY B 490 2.66 8.12 -15.75
N MSE B 491 1.73 8.12 -14.81
CA MSE B 491 1.59 9.24 -13.88
C MSE B 491 2.03 8.89 -12.46
O MSE B 491 1.87 9.72 -11.56
CB MSE B 491 0.17 9.84 -13.92
CG MSE B 491 -0.96 8.93 -14.43
SE MSE B 491 -1.56 7.62 -13.11
CE MSE B 491 -2.56 6.45 -14.33
N GLY B 492 2.59 7.72 -12.20
CA GLY B 492 3.25 7.43 -10.93
C GLY B 492 2.38 6.82 -9.83
N TYR B 493 2.67 7.09 -8.56
CA TYR B 493 2.02 6.40 -7.45
C TYR B 493 2.13 7.14 -6.15
N SER B 494 1.04 7.41 -5.45
CA SER B 494 1.13 8.02 -4.14
C SER B 494 0.38 7.17 -3.10
N ILE B 495 0.75 7.25 -1.85
CA ILE B 495 0.06 6.56 -0.78
C ILE B 495 0.03 7.55 0.35
N HIS B 496 -1.06 7.64 1.10
CA HIS B 496 -1.17 8.53 2.21
C HIS B 496 -1.89 7.79 3.29
N ALA B 497 -1.53 7.96 4.55
CA ALA B 497 -2.16 7.30 5.64
C ALA B 497 -2.68 8.38 6.54
N GLY B 498 -3.83 8.23 7.19
CA GLY B 498 -4.27 9.16 8.20
C GLY B 498 -4.72 8.36 9.39
N MSE B 499 -5.08 8.99 10.50
CA MSE B 499 -5.44 8.29 11.71
C MSE B 499 -6.39 9.14 12.52
O MSE B 499 -6.29 10.37 12.56
CB MSE B 499 -4.17 7.95 12.53
CG MSE B 499 -3.43 9.14 13.17
SE MSE B 499 -3.97 9.44 15.03
CE MSE B 499 -4.07 11.39 15.04
N VAL B 500 -7.35 8.54 13.20
CA VAL B 500 -8.15 9.22 14.20
C VAL B 500 -8.00 8.50 15.53
N ILE B 501 -7.93 9.21 16.65
CA ILE B 501 -8.06 8.60 17.95
C ILE B 501 -9.11 9.35 18.81
N VAL B 502 -9.99 8.65 19.50
CA VAL B 502 -11.06 9.27 20.24
C VAL B 502 -10.61 9.44 21.69
N ALA B 503 -10.68 10.63 22.25
CA ALA B 503 -10.44 10.87 23.65
C ALA B 503 -11.78 10.77 24.35
N ASP B 504 -12.19 9.58 24.81
CA ASP B 504 -13.48 9.41 25.50
C ASP B 504 -13.43 9.47 27.04
N GLY B 505 -12.31 9.86 27.66
CA GLY B 505 -12.24 10.06 29.12
C GLY B 505 -11.62 8.88 29.86
N THR B 506 -11.65 7.67 29.30
CA THR B 506 -11.23 6.46 29.98
C THR B 506 -9.72 6.30 30.10
N LYS B 507 -9.26 5.41 30.98
CA LYS B 507 -7.85 5.08 31.20
C LYS B 507 -7.27 4.28 30.02
N GLU B 508 -8.07 3.46 29.35
CA GLU B 508 -7.66 2.67 28.18
C GLU B 508 -7.40 3.60 27.00
N ALA B 509 -8.26 4.60 26.79
CA ALA B 509 -8.06 5.65 25.78
C ALA B 509 -6.79 6.42 26.08
N GLU B 510 -6.50 6.73 27.35
CA GLU B 510 -5.28 7.43 27.76
C GLU B 510 -4.01 6.66 27.40
N LYS B 511 -4.00 5.32 27.50
CA LYS B 511 -2.86 4.52 27.06
C LYS B 511 -2.70 4.56 25.55
N ARG B 512 -3.78 4.38 24.79
CA ARG B 512 -3.71 4.46 23.34
C ARG B 512 -3.31 5.85 22.91
N LEU B 513 -3.77 6.89 23.59
CA LEU B 513 -3.45 8.26 23.23
C LEU B 513 -1.96 8.44 23.39
N GLU B 514 -1.38 8.06 24.53
CA GLU B 514 0.05 8.15 24.77
C GLU B 514 0.83 7.41 23.71
N ARG B 515 0.44 6.19 23.33
CA ARG B 515 1.12 5.42 22.26
C ARG B 515 1.00 6.12 20.90
N VAL B 516 -0.20 6.41 20.44
CA VAL B 516 -0.43 6.84 19.07
C VAL B 516 0.11 8.25 18.81
N LEU B 517 0.15 9.16 19.80
CA LEU B 517 0.52 10.56 19.58
C LEU B 517 2.03 10.79 19.76
N THR B 518 2.77 9.77 20.16
CA THR B 518 4.22 9.70 20.14
C THR B 518 4.62 9.11 18.79
N THR B 519 3.95 8.04 18.37
CA THR B 519 4.35 7.20 17.29
C THR B 519 4.12 7.94 15.98
N ASP B 520 3.03 8.68 15.83
CA ASP B 520 2.72 9.32 14.58
C ASP B 520 3.70 10.46 14.22
N PRO B 521 3.97 11.42 15.12
CA PRO B 521 4.97 12.44 14.84
C PRO B 521 6.39 11.87 14.82
N GLY B 522 6.72 10.88 15.66
CA GLY B 522 8.06 10.33 15.78
C GLY B 522 8.52 9.69 14.50
N LEU B 523 7.62 9.05 13.75
CA LEU B 523 7.96 8.42 12.49
C LEU B 523 8.20 9.48 11.42
N GLY B 524 7.47 10.60 11.40
CA GLY B 524 7.82 11.72 10.55
C GLY B 524 9.23 12.24 10.85
N VAL B 525 9.65 12.30 12.11
CA VAL B 525 10.99 12.74 12.46
C VAL B 525 12.01 11.77 11.87
N ILE B 526 11.85 10.47 12.11
CA ILE B 526 12.70 9.41 11.59
C ILE B 526 12.76 9.42 10.08
N ARG B 527 11.64 9.66 9.41
CA ARG B 527 11.58 9.72 7.95
C ARG B 527 12.49 10.82 7.44
N HIS B 528 12.53 11.98 8.09
CA HIS B 528 13.37 13.07 7.67
C HIS B 528 14.81 12.88 8.17
N ALA B 529 15.04 12.39 9.38
CA ALA B 529 16.39 12.02 9.87
C ALA B 529 17.03 10.99 8.96
N ASP B 530 16.34 9.93 8.56
CA ASP B 530 16.88 8.93 7.62
C ASP B 530 17.26 9.56 6.27
N ALA B 531 16.47 10.50 5.76
CA ALA B 531 16.79 11.25 4.55
C ALA B 531 17.97 12.23 4.77
N GLY B 532 18.51 12.41 5.98
CA GLY B 532 19.73 13.16 6.20
C GLY B 532 19.54 14.61 6.64
N TYR B 533 18.32 15.08 6.92
CA TYR B 533 18.10 16.44 7.42
C TYR B 533 18.66 16.57 8.84
N GLU B 534 19.60 17.50 9.05
CA GLU B 534 20.25 17.83 10.32
C GLU B 534 19.22 18.07 11.40
N LEU B 535 18.25 18.95 11.16
CA LEU B 535 17.27 19.36 12.17
C LEU B 535 16.51 18.14 12.65
N ALA B 536 16.21 17.18 11.79
CA ALA B 536 15.51 15.96 12.16
C ALA B 536 16.46 15.02 12.91
N ILE B 537 17.72 14.87 12.51
CA ILE B 537 18.67 14.04 13.27
C ILE B 537 18.85 14.65 14.67
N ARG B 538 18.97 15.98 14.77
CA ARG B 538 19.03 16.70 16.05
C ARG B 538 17.79 16.46 16.88
N THR B 539 16.59 16.62 16.33
CA THR B 539 15.33 16.43 17.06
C THR B 539 15.23 15.02 17.59
N ALA B 540 15.57 14.00 16.78
CA ALA B 540 15.53 12.59 17.17
C ALA B 540 16.44 12.33 18.35
N LYS B 541 17.71 12.75 18.32
CA LYS B 541 18.62 12.67 19.47
C LYS B 541 18.08 13.48 20.62
N GLU B 542 17.68 14.73 20.41
CA GLU B 542 17.16 15.57 21.49
C GLU B 542 16.02 14.86 22.20
N LYS B 543 15.03 14.34 21.49
CA LYS B 543 13.83 13.79 22.10
C LYS B 543 13.88 12.29 22.44
N GLY B 544 14.96 11.56 22.15
CA GLY B 544 15.11 10.19 22.62
C GLY B 544 14.57 9.15 21.68
N ILE B 545 14.28 9.47 20.43
CA ILE B 545 13.75 8.52 19.47
C ILE B 545 14.82 7.48 19.12
N ASP B 546 14.50 6.18 19.19
CA ASP B 546 15.43 5.08 19.03
C ASP B 546 15.67 4.79 17.55
N MSE B 547 16.80 5.20 16.97
CA MSE B 547 17.18 4.86 15.59
C MSE B 547 18.43 3.96 15.55
O MSE B 547 19.56 4.43 15.65
CB MSE B 547 17.40 6.11 14.80
CG MSE B 547 16.20 6.99 14.86
SE MSE B 547 16.40 8.64 13.85
CE MSE B 547 16.26 7.88 12.06
N PRO B 548 18.21 2.65 15.38
CA PRO B 548 19.27 1.64 15.40
C PRO B 548 20.52 1.94 14.57
N MSE B 549 20.45 2.70 13.47
CA MSE B 549 21.61 3.01 12.65
C MSE B 549 22.35 4.28 13.16
O MSE B 549 23.56 4.41 12.95
CB MSE B 549 21.19 3.18 11.18
CG MSE B 549 20.38 2.01 10.63
SE MSE B 549 21.40 0.63 9.72
CE MSE B 549 23.03 0.63 10.79
N LEU B 550 21.68 5.22 13.83
CA LEU B 550 22.32 6.36 14.49
C LEU B 550 22.92 6.02 15.85
PA NAD C . 12.09 -21.60 -17.79
O1A NAD C . 12.77 -20.62 -18.69
O2A NAD C . 13.05 -22.02 -16.66
O5B NAD C . 11.85 -22.99 -18.54
C5B NAD C . 11.18 -23.13 -19.77
C4B NAD C . 11.65 -24.42 -20.41
O4B NAD C . 11.05 -24.52 -21.66
C3B NAD C . 13.16 -24.47 -20.67
O3B NAD C . 13.74 -25.50 -19.90
C2B NAD C . 13.30 -24.67 -22.16
O2B NAD C . 14.35 -25.51 -22.56
C1B NAD C . 11.94 -25.25 -22.49
N9A NAD C . 11.52 -25.09 -23.90
C8A NAD C . 11.58 -23.95 -24.69
N7A NAD C . 11.06 -24.25 -25.88
C5A NAD C . 10.65 -25.54 -25.86
C6A NAD C . 10.07 -26.36 -26.81
N6A NAD C . 9.80 -25.89 -28.03
N1A NAD C . 9.77 -27.64 -26.49
C2A NAD C . 10.07 -28.15 -25.25
N3A NAD C . 10.65 -27.34 -24.30
C4A NAD C . 10.94 -26.07 -24.61
O3 NAD C . 10.60 -21.09 -17.35
PN NAD C . 9.83 -21.58 -15.99
O1N NAD C . 9.96 -23.05 -15.86
O2N NAD C . 10.29 -20.72 -14.89
O5D NAD C . 8.32 -21.24 -16.34
C5D NAD C . 7.77 -21.72 -17.54
C4D NAD C . 6.52 -20.93 -17.92
O4D NAD C . 5.44 -21.38 -17.14
C3D NAD C . 6.67 -19.44 -17.67
O3D NAD C . 6.04 -18.70 -18.70
C2D NAD C . 5.94 -19.23 -16.37
O2D NAD C . 5.47 -17.91 -16.31
C1D NAD C . 4.85 -20.31 -16.45
N1N NAD C . 4.42 -20.73 -15.12
C2N NAD C . 3.54 -19.94 -14.47
C3N NAD C . 3.10 -20.29 -13.20
C7N NAD C . 2.14 -19.42 -12.46
O7N NAD C . 1.69 -19.77 -11.17
N7N NAD C . 1.69 -18.33 -13.04
C4N NAD C . 3.55 -21.47 -12.59
C5N NAD C . 4.44 -22.26 -13.27
C6N NAD C . 4.88 -21.87 -14.54
PA NAD D . -9.05 27.50 -8.49
O1A NAD D . -9.22 27.12 -9.90
O2A NAD D . -10.34 27.28 -7.71
O5B NAD D . -8.60 29.04 -8.45
C5B NAD D . -7.68 29.59 -9.37
C4B NAD D . -8.04 31.05 -9.51
O4B NAD D . -7.16 31.69 -10.43
C3B NAD D . -9.46 31.26 -10.05
O3B NAD D . -10.19 32.10 -9.18
C2B NAD D . -9.27 31.92 -11.42
O2B NAD D . -10.29 32.85 -11.71
C1B NAD D . -7.93 32.58 -11.22
N9A NAD D . -7.15 32.89 -12.44
C8A NAD D . -7.03 32.17 -13.60
N7A NAD D . -6.18 32.85 -14.42
C5A NAD D . -5.77 33.97 -13.79
C6A NAD D . -4.92 34.99 -14.16
N6A NAD D . -4.33 34.98 -15.35
N1A NAD D . -4.67 36.02 -13.29
C2A NAD D . -5.28 36.04 -12.04
N3A NAD D . -6.13 35.03 -11.68
C4A NAD D . -6.36 34.02 -12.54
O3 NAD D . -7.80 26.72 -7.89
PN NAD D . -7.41 26.57 -6.33
O1N NAD D . -7.53 27.89 -5.68
O2N NAD D . -8.13 25.43 -5.70
O5D NAD D . -5.87 26.15 -6.48
C5D NAD D . -4.93 26.99 -7.11
C4D NAD D . -3.63 26.25 -7.44
O4D NAD D . -2.72 26.37 -6.36
C3D NAD D . -3.82 24.76 -7.68
O3D NAD D . -2.87 24.33 -8.62
C2D NAD D . -3.53 24.18 -6.32
O2D NAD D . -3.17 22.82 -6.35
C1D NAD D . -2.41 25.09 -5.85
N1N NAD D . -2.36 25.03 -4.38
C2N NAD D . -1.64 24.02 -3.81
C3N NAD D . -1.59 23.92 -2.42
C7N NAD D . -0.82 22.83 -1.75
O7N NAD D . -0.82 22.79 -0.33
N7N NAD D . -0.15 21.92 -2.48
C4N NAD D . -2.27 24.86 -1.64
C5N NAD D . -3.00 25.87 -2.24
C6N NAD D . -3.04 25.96 -3.63
#